data_3ENN
#
_entry.id   3ENN
#
_cell.length_a   119.500
_cell.length_b   119.500
_cell.length_c   136.000
_cell.angle_alpha   90.000
_cell.angle_beta   90.000
_cell.angle_gamma   90.000
#
_symmetry.space_group_name_H-M   'P 43 21 2'
#
loop_
_entity.id
_entity.type
_entity.pdbx_description
1 polymer 'GLUCOSE/RIBITOL DEHYDROGENASE'
2 water water
#
_entity_poly.entity_id   1
_entity_poly.type   'polypeptide(L)'
_entity_poly.pdbx_seq_one_letter_code
;GPGSMFDLTGRKALVTGATGGLGEAIARALHAQGAIVGLHGTREEKLKELAAELGERIFVFPANLSDREAVKALGQKAEE
EMGGVDILVNNAGITRDGLFVRMSDEDWDAVLTVNLTSVFNLTRELTHPMMRRRNGRIINITSIVGVTGNPGQANYCASK
AGLIGFSKSLAQEIASRNVTVNCIAPGFIESAMTGKLNEKQKDAIMGNIPMKRMGVGADIAAAVVYLASDEAAYVTGQTL
HVNGGMAMI
;
_entity_poly.pdbx_strand_id   A,B,C,D
#
# COMPACT_ATOMS: atom_id res chain seq x y z
N SER A 4 0.63 -16.12 -30.76
CA SER A 4 1.50 -15.15 -30.02
C SER A 4 0.93 -14.70 -28.67
N MET A 5 1.81 -14.06 -27.90
CA MET A 5 1.57 -13.71 -26.52
C MET A 5 1.00 -12.31 -26.40
N PHE A 6 0.03 -12.16 -25.49
CA PHE A 6 -0.75 -10.91 -25.28
C PHE A 6 -1.53 -10.49 -26.55
N ASP A 7 -1.94 -11.51 -27.30
CA ASP A 7 -2.71 -11.31 -28.52
C ASP A 7 -4.14 -10.93 -28.15
N LEU A 8 -4.62 -9.87 -28.76
CA LEU A 8 -5.96 -9.38 -28.51
C LEU A 8 -6.82 -9.45 -29.74
N THR A 9 -6.40 -10.27 -30.71
CA THR A 9 -7.13 -10.45 -31.97
C THR A 9 -8.61 -10.78 -31.73
N GLY A 10 -9.48 -9.93 -32.26
CA GLY A 10 -10.92 -10.18 -32.19
C GLY A 10 -11.55 -9.59 -30.94
N ARG A 11 -10.74 -9.18 -29.97
CA ARG A 11 -11.28 -8.58 -28.77
C ARG A 11 -11.78 -7.15 -29.05
N LYS A 12 -12.95 -6.86 -28.52
CA LYS A 12 -13.53 -5.53 -28.64
C LYS A 12 -13.21 -4.69 -27.42
N ALA A 13 -12.62 -3.53 -27.67
CA ALA A 13 -12.18 -2.65 -26.64
C ALA A 13 -12.84 -1.29 -26.85
N LEU A 14 -13.39 -0.74 -25.77
CA LEU A 14 -13.84 0.64 -25.79
C LEU A 14 -12.84 1.45 -25.00
N VAL A 15 -12.34 2.52 -25.59
CA VAL A 15 -11.40 3.39 -24.89
C VAL A 15 -11.97 4.79 -24.80
N THR A 16 -12.24 5.23 -23.57
CA THR A 16 -12.75 6.57 -23.37
C THR A 16 -11.62 7.60 -23.37
N GLY A 17 -11.94 8.85 -23.70
CA GLY A 17 -10.91 9.88 -23.87
C GLY A 17 -9.83 9.44 -24.84
N ALA A 18 -10.25 8.81 -25.94
CA ALA A 18 -9.31 8.21 -26.88
C ALA A 18 -8.58 9.23 -27.75
N THR A 19 -9.09 10.46 -27.82
CA THR A 19 -8.38 11.52 -28.56
C THR A 19 -7.23 12.14 -27.75
N GLY A 20 -7.32 12.03 -26.42
CA GLY A 20 -6.22 12.45 -25.56
C GLY A 20 -4.98 11.61 -25.82
N GLY A 21 -3.82 12.19 -25.50
CA GLY A 21 -2.54 11.50 -25.60
C GLY A 21 -2.53 10.06 -25.10
N LEU A 22 -2.93 9.82 -23.85
CA LEU A 22 -2.99 8.46 -23.31
C LEU A 22 -4.00 7.60 -24.03
N GLY A 23 -5.21 8.13 -24.20
CA GLY A 23 -6.29 7.39 -24.85
C GLY A 23 -5.88 6.95 -26.24
N GLU A 24 -5.25 7.86 -26.99
CA GLU A 24 -4.77 7.53 -28.32
C GLU A 24 -3.71 6.45 -28.30
N ALA A 25 -2.74 6.58 -27.41
CA ALA A 25 -1.69 5.58 -27.29
C ALA A 25 -2.28 4.22 -26.92
N ILE A 26 -3.22 4.23 -25.99
CA ILE A 26 -3.86 2.99 -25.53
C ILE A 26 -4.60 2.34 -26.72
N ALA A 27 -5.41 3.15 -27.41
CA ALA A 27 -6.14 2.72 -28.59
C ALA A 27 -5.22 2.15 -29.68
N ARG A 28 -4.08 2.80 -29.92
CA ARG A 28 -3.03 2.27 -30.83
C ARG A 28 -2.45 0.91 -30.43
N ALA A 29 -2.12 0.75 -29.14
CA ALA A 29 -1.51 -0.49 -28.71
C ALA A 29 -2.51 -1.66 -28.84
N LEU A 30 -3.77 -1.42 -28.48
CA LEU A 30 -4.79 -2.45 -28.53
C LEU A 30 -5.05 -2.83 -29.97
N HIS A 31 -5.14 -1.80 -30.82
CA HIS A 31 -5.35 -2.01 -32.23
C HIS A 31 -4.18 -2.81 -32.79
N ALA A 32 -2.95 -2.37 -32.48
CA ALA A 32 -1.73 -3.09 -32.86
C ALA A 32 -1.75 -4.56 -32.46
N GLN A 33 -2.39 -4.87 -31.32
CA GLN A 33 -2.52 -6.26 -30.84
C GLN A 33 -3.70 -7.03 -31.43
N GLY A 34 -4.36 -6.47 -32.44
CA GLY A 34 -5.47 -7.15 -33.12
C GLY A 34 -6.83 -6.77 -32.58
N ALA A 35 -6.88 -5.89 -31.59
CA ALA A 35 -8.20 -5.55 -31.03
C ALA A 35 -9.06 -4.76 -32.01
N ILE A 36 -10.36 -4.91 -31.85
CA ILE A 36 -11.33 -4.04 -32.47
C ILE A 36 -11.57 -2.98 -31.43
N VAL A 37 -11.26 -1.73 -31.79
CA VAL A 37 -11.23 -0.64 -30.83
C VAL A 37 -12.32 0.42 -31.09
N GLY A 38 -13.10 0.72 -30.05
CA GLY A 38 -14.07 1.79 -30.10
C GLY A 38 -13.38 2.98 -29.46
N LEU A 39 -13.37 4.09 -30.17
CA LEU A 39 -12.78 5.33 -29.67
C LEU A 39 -13.88 6.22 -29.15
N HIS A 40 -13.88 6.50 -27.85
CA HIS A 40 -14.77 7.50 -27.32
C HIS A 40 -14.06 8.85 -27.23
N GLY A 41 -14.81 9.91 -27.43
CA GLY A 41 -14.30 11.27 -27.27
C GLY A 41 -15.51 12.16 -27.24
N THR A 42 -15.28 13.45 -27.24
CA THR A 42 -16.39 14.40 -27.24
C THR A 42 -16.67 14.88 -28.67
N ARG A 43 -15.63 14.95 -29.48
CA ARG A 43 -15.70 15.49 -30.85
C ARG A 43 -15.48 14.41 -31.90
N GLU A 44 -16.56 14.07 -32.60
CA GLU A 44 -16.52 13.00 -33.59
C GLU A 44 -15.50 13.22 -34.71
N GLU A 45 -15.30 14.50 -35.09
CA GLU A 45 -14.37 14.86 -36.15
C GLU A 45 -12.96 14.40 -35.85
N LYS A 46 -12.49 14.73 -34.64
CA LYS A 46 -11.16 14.33 -34.19
C LYS A 46 -11.04 12.81 -34.02
N LEU A 47 -12.10 12.17 -33.54
CA LEU A 47 -12.13 10.71 -33.38
C LEU A 47 -12.04 10.04 -34.74
N LYS A 48 -12.76 10.57 -35.71
CA LYS A 48 -12.74 10.03 -37.07
C LYS A 48 -11.37 10.11 -37.74
N GLU A 49 -10.64 11.19 -37.48
CA GLU A 49 -9.24 11.31 -37.91
C GLU A 49 -8.35 10.23 -37.30
N LEU A 50 -8.45 10.01 -36.00
CA LEU A 50 -7.70 8.93 -35.33
C LEU A 50 -8.12 7.61 -35.95
N ALA A 51 -9.42 7.41 -36.06
CA ALA A 51 -9.98 6.21 -36.69
C ALA A 51 -9.37 5.97 -38.09
N ALA A 52 -9.24 7.03 -38.89
CA ALA A 52 -8.68 6.94 -40.24
C ALA A 52 -7.18 6.62 -40.22
N GLU A 53 -6.48 7.20 -39.26
CA GLU A 53 -5.04 7.00 -39.12
C GLU A 53 -4.69 5.60 -38.61
N LEU A 54 -5.63 4.99 -37.85
CA LEU A 54 -5.47 3.63 -37.32
C LEU A 54 -5.90 2.60 -38.33
N GLY A 55 -6.98 2.88 -39.03
CA GLY A 55 -7.38 2.09 -40.17
C GLY A 55 -8.63 1.31 -39.89
N GLU A 56 -8.54 0.00 -40.08
CA GLU A 56 -9.67 -0.91 -39.92
C GLU A 56 -9.92 -1.20 -38.43
N ARG A 57 -10.99 -1.95 -38.13
CA ARG A 57 -11.30 -2.39 -36.76
C ARG A 57 -11.46 -1.23 -35.77
N ILE A 58 -12.02 -0.12 -36.25
CA ILE A 58 -12.29 1.03 -35.39
C ILE A 58 -13.72 1.52 -35.46
N PHE A 59 -14.27 1.79 -34.28
CA PHE A 59 -15.55 2.43 -34.12
C PHE A 59 -15.30 3.75 -33.45
N VAL A 60 -16.18 4.70 -33.70
CA VAL A 60 -16.10 6.02 -33.10
C VAL A 60 -17.39 6.28 -32.34
N PHE A 61 -17.26 6.67 -31.06
CA PHE A 61 -18.40 6.91 -30.19
C PHE A 61 -18.24 8.19 -29.39
N PRO A 62 -18.68 9.34 -29.96
CA PRO A 62 -18.68 10.58 -29.17
C PRO A 62 -19.73 10.57 -28.05
N ALA A 63 -19.37 11.13 -26.90
CA ALA A 63 -20.30 11.26 -25.79
C ALA A 63 -19.71 12.21 -24.79
N ASN A 64 -20.58 13.05 -24.25
CA ASN A 64 -20.20 13.90 -23.17
C ASN A 64 -20.36 13.09 -21.89
N LEU A 65 -19.22 12.78 -21.26
CA LEU A 65 -19.24 11.96 -20.06
C LEU A 65 -19.77 12.68 -18.83
N SER A 66 -19.98 13.99 -18.92
CA SER A 66 -20.64 14.70 -17.83
C SER A 66 -22.17 14.55 -17.92
N ASP A 67 -22.63 14.00 -19.03
CA ASP A 67 -24.07 13.81 -19.26
C ASP A 67 -24.39 12.36 -18.95
N ARG A 68 -25.09 12.13 -17.85
CA ARG A 68 -25.28 10.76 -17.37
C ARG A 68 -26.04 9.90 -18.38
N GLU A 69 -27.03 10.50 -19.04
CA GLU A 69 -27.79 9.74 -20.04
C GLU A 69 -26.94 9.43 -21.25
N ALA A 70 -26.02 10.33 -21.60
CA ALA A 70 -25.13 10.06 -22.72
C ALA A 70 -24.08 8.97 -22.40
N VAL A 71 -23.70 8.87 -21.13
CA VAL A 71 -22.78 7.83 -20.66
C VAL A 71 -23.44 6.45 -20.81
N LYS A 72 -24.71 6.37 -20.41
CA LYS A 72 -25.48 5.15 -20.55
C LYS A 72 -25.64 4.79 -22.02
N ALA A 73 -26.04 5.77 -22.82
CA ALA A 73 -26.20 5.55 -24.26
C ALA A 73 -24.88 5.14 -24.89
N LEU A 74 -23.77 5.69 -24.39
CA LEU A 74 -22.45 5.34 -24.89
C LEU A 74 -22.19 3.86 -24.66
N GLY A 75 -22.35 3.42 -23.42
CA GLY A 75 -22.13 2.01 -23.10
C GLY A 75 -23.02 1.13 -23.97
N GLN A 76 -24.31 1.47 -24.04
CA GLN A 76 -25.24 0.69 -24.85
C GLN A 76 -24.87 0.68 -26.33
N LYS A 77 -24.46 1.84 -26.86
CA LYS A 77 -24.07 1.93 -28.26
C LYS A 77 -22.79 1.16 -28.58
N ALA A 78 -21.76 1.32 -27.74
CA ALA A 78 -20.52 0.57 -27.94
C ALA A 78 -20.80 -0.92 -27.87
N GLU A 79 -21.58 -1.34 -26.87
CA GLU A 79 -21.94 -2.74 -26.68
C GLU A 79 -22.68 -3.26 -27.93
N GLU A 80 -23.63 -2.45 -28.42
CA GLU A 80 -24.38 -2.79 -29.62
C GLU A 80 -23.53 -2.85 -30.88
N GLU A 81 -22.88 -1.75 -31.23
CA GLU A 81 -22.17 -1.66 -32.51
C GLU A 81 -20.93 -2.54 -32.59
N MET A 82 -20.26 -2.75 -31.45
CA MET A 82 -19.05 -3.57 -31.44
C MET A 82 -19.39 -5.04 -31.35
N GLY A 83 -20.65 -5.33 -31.06
CA GLY A 83 -21.08 -6.71 -30.99
C GLY A 83 -20.62 -7.33 -29.69
N GLY A 84 -20.65 -6.52 -28.63
CA GLY A 84 -20.16 -6.93 -27.33
C GLY A 84 -18.78 -6.34 -27.07
N VAL A 85 -18.66 -5.58 -26.00
CA VAL A 85 -17.33 -5.05 -25.60
C VAL A 85 -16.72 -6.02 -24.60
N ASP A 86 -15.47 -6.41 -24.86
CA ASP A 86 -14.72 -7.33 -24.02
C ASP A 86 -13.81 -6.56 -23.07
N ILE A 87 -13.34 -5.41 -23.54
CA ILE A 87 -12.38 -4.60 -22.82
C ILE A 87 -12.88 -3.17 -22.74
N LEU A 88 -13.10 -2.73 -21.52
CA LEU A 88 -13.42 -1.36 -21.26
C LEU A 88 -12.20 -0.68 -20.65
N VAL A 89 -11.71 0.35 -21.34
CA VAL A 89 -10.65 1.18 -20.77
C VAL A 89 -11.23 2.52 -20.39
N ASN A 90 -11.44 2.70 -19.08
CA ASN A 90 -11.87 3.97 -18.55
C ASN A 90 -10.71 4.93 -18.42
N ASN A 91 -10.49 5.70 -19.46
CA ASN A 91 -9.34 6.57 -19.53
C ASN A 91 -9.70 8.03 -19.49
N ALA A 92 -10.94 8.33 -19.84
CA ALA A 92 -11.38 9.72 -19.84
C ALA A 92 -11.43 10.23 -18.41
N GLY A 93 -10.69 11.31 -18.16
CA GLY A 93 -10.72 12.00 -16.89
C GLY A 93 -10.53 13.48 -17.14
N ILE A 94 -11.01 14.28 -16.18
CA ILE A 94 -10.81 15.72 -16.19
C ILE A 94 -10.16 16.16 -14.88
N THR A 95 -9.57 17.34 -14.91
CA THR A 95 -9.08 18.01 -13.70
C THR A 95 -9.77 19.35 -13.58
N ARG A 96 -9.97 19.78 -12.34
CA ARG A 96 -10.31 21.17 -12.03
C ARG A 96 -9.39 21.54 -10.89
N ASP A 97 -8.12 21.72 -11.23
CA ASP A 97 -7.09 21.94 -10.24
C ASP A 97 -7.30 23.24 -9.53
N GLY A 98 -6.75 23.32 -8.32
CA GLY A 98 -6.86 24.52 -7.51
C GLY A 98 -6.80 24.16 -6.04
N LEU A 99 -6.38 25.14 -5.24
CA LEU A 99 -6.33 24.98 -3.82
C LEU A 99 -7.71 24.66 -3.28
N PHE A 100 -7.73 23.73 -2.32
CA PHE A 100 -8.95 23.21 -1.76
C PHE A 100 -9.86 24.28 -1.15
N VAL A 101 -9.27 25.26 -0.49
CA VAL A 101 -10.05 26.33 0.16
C VAL A 101 -10.72 27.26 -0.84
N ARG A 102 -10.22 27.28 -2.07
CA ARG A 102 -10.82 28.03 -3.19
C ARG A 102 -11.64 27.11 -4.09
N MET A 103 -11.80 25.85 -3.68
CA MET A 103 -12.40 24.84 -4.56
C MET A 103 -13.91 24.85 -4.51
N SER A 104 -14.50 25.23 -5.64
CA SER A 104 -15.94 25.38 -5.74
C SER A 104 -16.62 24.03 -5.74
N ASP A 105 -17.91 24.03 -5.44
CA ASP A 105 -18.73 22.84 -5.52
C ASP A 105 -18.66 22.26 -6.92
N GLU A 106 -18.68 23.14 -7.92
CA GLU A 106 -18.67 22.71 -9.32
C GLU A 106 -17.34 22.10 -9.74
N ASP A 107 -16.23 22.65 -9.25
CA ASP A 107 -14.92 22.05 -9.51
C ASP A 107 -14.78 20.65 -8.87
N TRP A 108 -15.33 20.50 -7.68
CA TRP A 108 -15.43 19.20 -7.03
C TRP A 108 -16.39 18.29 -7.78
N ASP A 109 -17.64 18.74 -7.90
CA ASP A 109 -18.68 17.96 -8.57
C ASP A 109 -18.31 17.56 -9.99
N ALA A 110 -17.74 18.48 -10.76
CA ALA A 110 -17.39 18.16 -12.14
C ALA A 110 -16.36 17.02 -12.22
N VAL A 111 -15.30 17.11 -11.40
CA VAL A 111 -14.26 16.08 -11.39
C VAL A 111 -14.81 14.74 -10.89
N LEU A 112 -15.59 14.75 -9.83
CA LEU A 112 -16.12 13.52 -9.28
C LEU A 112 -17.12 12.87 -10.26
N THR A 113 -17.95 13.69 -10.90
CA THR A 113 -18.93 13.21 -11.86
C THR A 113 -18.28 12.50 -13.05
N VAL A 114 -17.35 13.18 -13.71
CA VAL A 114 -16.69 12.60 -14.87
C VAL A 114 -15.75 11.48 -14.49
N ASN A 115 -14.91 11.71 -13.49
CA ASN A 115 -13.82 10.78 -13.18
C ASN A 115 -14.25 9.53 -12.45
N LEU A 116 -15.35 9.63 -11.72
CA LEU A 116 -15.82 8.52 -10.92
C LEU A 116 -17.24 8.06 -11.31
N THR A 117 -18.21 8.96 -11.30
CA THR A 117 -19.58 8.58 -11.59
C THR A 117 -19.79 8.15 -13.04
N SER A 118 -19.19 8.84 -13.99
CA SER A 118 -19.30 8.40 -15.38
C SER A 118 -18.68 7.02 -15.57
N VAL A 119 -17.63 6.73 -14.80
CA VAL A 119 -16.96 5.44 -14.84
C VAL A 119 -17.86 4.38 -14.27
N PHE A 120 -18.49 4.67 -13.12
CA PHE A 120 -19.51 3.83 -12.56
C PHE A 120 -20.53 3.46 -13.63
N ASN A 121 -21.13 4.48 -14.26
CA ASN A 121 -22.21 4.22 -15.22
C ASN A 121 -21.80 3.50 -16.49
N LEU A 122 -20.68 3.89 -17.07
CA LEU A 122 -20.19 3.24 -18.27
C LEU A 122 -19.87 1.79 -17.94
N THR A 123 -19.22 1.59 -16.79
CA THR A 123 -18.86 0.24 -16.36
C THR A 123 -20.12 -0.59 -16.13
N ARG A 124 -21.16 0.01 -15.54
CA ARG A 124 -22.41 -0.72 -15.26
C ARG A 124 -23.13 -1.18 -16.54
N GLU A 125 -22.98 -0.40 -17.61
CA GLU A 125 -23.54 -0.76 -18.91
C GLU A 125 -22.92 -2.05 -19.46
N LEU A 126 -21.62 -2.22 -19.22
CA LEU A 126 -20.83 -3.23 -19.90
C LEU A 126 -20.52 -4.45 -19.05
N THR A 127 -20.65 -4.33 -17.74
CA THR A 127 -20.22 -5.41 -16.81
C THR A 127 -21.05 -6.70 -16.95
N HIS A 128 -22.38 -6.57 -16.87
CA HIS A 128 -23.21 -7.77 -16.96
C HIS A 128 -23.07 -8.44 -18.34
N PRO A 129 -23.09 -7.65 -19.44
CA PRO A 129 -22.70 -8.24 -20.74
C PRO A 129 -21.39 -9.06 -20.72
N MET A 130 -20.29 -8.50 -20.19
CA MET A 130 -19.02 -9.22 -20.07
C MET A 130 -19.15 -10.52 -19.24
N MET A 131 -19.86 -10.45 -18.13
CA MET A 131 -20.07 -11.65 -17.31
C MET A 131 -20.91 -12.70 -18.02
N ARG A 132 -21.91 -12.26 -18.79
CA ARG A 132 -22.68 -13.17 -19.62
C ARG A 132 -21.80 -13.89 -20.62
N ARG A 133 -20.81 -13.17 -21.16
CA ARG A 133 -19.85 -13.76 -22.08
C ARG A 133 -18.74 -14.51 -21.36
N ARG A 134 -18.72 -14.39 -20.04
CA ARG A 134 -17.73 -15.04 -19.17
C ARG A 134 -16.32 -14.68 -19.56
N ASN A 135 -16.15 -13.42 -19.99
CA ASN A 135 -14.86 -12.87 -20.31
C ASN A 135 -14.98 -11.36 -20.32
N GLY A 136 -14.10 -10.69 -19.60
CA GLY A 136 -14.06 -9.24 -19.67
C GLY A 136 -12.84 -8.68 -18.98
N ARG A 137 -12.54 -7.43 -19.34
CA ARG A 137 -11.44 -6.67 -18.78
C ARG A 137 -11.97 -5.28 -18.58
N ILE A 138 -11.88 -4.81 -17.35
CA ILE A 138 -12.17 -3.42 -17.09
C ILE A 138 -10.86 -2.85 -16.59
N ILE A 139 -10.42 -1.79 -17.25
CA ILE A 139 -9.10 -1.26 -17.03
C ILE A 139 -9.26 0.22 -16.79
N ASN A 140 -9.02 0.61 -15.54
CA ASN A 140 -9.27 1.97 -15.12
C ASN A 140 -7.97 2.73 -15.00
N ILE A 141 -7.90 3.85 -15.71
CA ILE A 141 -6.71 4.69 -15.67
C ILE A 141 -6.86 5.65 -14.51
N THR A 142 -6.09 5.40 -13.48
CA THR A 142 -6.12 6.24 -12.31
C THR A 142 -4.91 7.17 -12.45
N SER A 143 -4.26 7.55 -11.36
CA SER A 143 -3.08 8.38 -11.45
C SER A 143 -2.24 8.05 -10.25
N ILE A 144 -0.93 8.20 -10.39
CA ILE A 144 -0.01 8.21 -9.27
C ILE A 144 -0.62 8.98 -8.10
N VAL A 145 -1.26 10.09 -8.44
CA VAL A 145 -1.74 11.07 -7.51
C VAL A 145 -2.93 10.54 -6.65
N GLY A 146 -3.66 9.54 -7.16
CA GLY A 146 -4.72 8.85 -6.40
C GLY A 146 -4.15 8.07 -5.21
N VAL A 147 -2.85 7.76 -5.25
CA VAL A 147 -2.23 7.00 -4.16
CA VAL A 147 -2.18 6.97 -4.21
C VAL A 147 -1.23 7.84 -3.36
N THR A 148 -0.64 8.85 -3.98
CA THR A 148 0.31 9.73 -3.26
C THR A 148 -0.41 10.92 -2.64
N GLY A 149 -1.50 11.32 -3.27
CA GLY A 149 -2.03 12.66 -3.08
C GLY A 149 -1.22 13.66 -3.90
N ASN A 150 -1.77 14.85 -4.06
CA ASN A 150 -1.10 15.93 -4.78
C ASN A 150 -1.81 17.20 -4.38
N PRO A 151 -1.05 18.24 -3.99
CA PRO A 151 -1.73 19.47 -3.61
C PRO A 151 -2.34 20.14 -4.85
N GLY A 152 -3.44 20.88 -4.67
CA GLY A 152 -4.18 21.47 -5.79
C GLY A 152 -5.13 20.49 -6.46
N GLN A 153 -5.24 19.27 -5.92
CA GLN A 153 -5.94 18.18 -6.58
C GLN A 153 -6.84 17.36 -5.69
N ALA A 154 -7.43 18.00 -4.68
CA ALA A 154 -8.24 17.29 -3.71
C ALA A 154 -9.37 16.55 -4.43
N ASN A 155 -10.01 17.22 -5.38
CA ASN A 155 -11.03 16.61 -6.22
C ASN A 155 -10.52 15.47 -7.10
N TYR A 156 -9.45 15.73 -7.85
CA TYR A 156 -8.88 14.76 -8.75
C TYR A 156 -8.36 13.52 -7.98
N CYS A 157 -7.66 13.78 -6.89
CA CYS A 157 -7.12 12.73 -6.03
C CYS A 157 -8.23 11.89 -5.44
N ALA A 158 -9.28 12.52 -4.95
CA ALA A 158 -10.44 11.80 -4.44
C ALA A 158 -11.08 10.89 -5.51
N SER A 159 -11.17 11.41 -6.73
CA SER A 159 -11.81 10.67 -7.80
C SER A 159 -10.95 9.47 -8.22
N LYS A 160 -9.64 9.67 -8.30
CA LYS A 160 -8.73 8.67 -8.80
C LYS A 160 -8.48 7.58 -7.76
N ALA A 161 -8.39 8.00 -6.49
CA ALA A 161 -8.40 7.07 -5.36
C ALA A 161 -9.73 6.31 -5.28
N GLY A 162 -10.85 7.04 -5.40
CA GLY A 162 -12.18 6.44 -5.45
C GLY A 162 -12.32 5.38 -6.54
N LEU A 163 -11.73 5.70 -7.69
CA LEU A 163 -11.74 4.82 -8.85
C LEU A 163 -11.08 3.49 -8.51
N ILE A 164 -9.94 3.54 -7.83
CA ILE A 164 -9.28 2.34 -7.33
C ILE A 164 -10.17 1.53 -6.38
N GLY A 165 -10.67 2.18 -5.32
CA GLY A 165 -11.62 1.54 -4.41
C GLY A 165 -12.80 0.90 -5.12
N PHE A 166 -13.38 1.64 -6.08
CA PHE A 166 -14.47 1.14 -6.91
C PHE A 166 -14.04 -0.14 -7.62
N SER A 167 -12.84 -0.09 -8.21
CA SER A 167 -12.31 -1.17 -8.98
C SER A 167 -12.10 -2.42 -8.13
N LYS A 168 -11.59 -2.25 -6.91
CA LYS A 168 -11.32 -3.37 -6.03
C LYS A 168 -12.63 -4.05 -5.64
N SER A 169 -13.65 -3.26 -5.33
CA SER A 169 -14.94 -3.82 -4.97
C SER A 169 -15.54 -4.59 -6.13
N LEU A 170 -15.51 -4.01 -7.31
CA LEU A 170 -16.09 -4.62 -8.49
C LEU A 170 -15.31 -5.88 -8.84
N ALA A 171 -13.98 -5.76 -8.79
CA ALA A 171 -13.12 -6.91 -8.99
C ALA A 171 -13.55 -8.11 -8.13
N GLN A 172 -13.74 -7.87 -6.83
CA GLN A 172 -14.12 -8.94 -5.90
C GLN A 172 -15.46 -9.57 -6.31
N GLU A 173 -16.33 -8.73 -6.81
CA GLU A 173 -17.68 -9.12 -7.10
C GLU A 173 -17.80 -10.00 -8.35
N ILE A 174 -17.01 -9.71 -9.38
CA ILE A 174 -17.23 -10.32 -10.68
C ILE A 174 -16.07 -11.23 -11.09
N ALA A 175 -15.09 -11.40 -10.20
CA ALA A 175 -13.90 -12.21 -10.46
C ALA A 175 -14.21 -13.64 -10.87
N SER A 176 -15.17 -14.26 -10.18
CA SER A 176 -15.54 -15.64 -10.43
C SER A 176 -16.29 -15.80 -11.77
N ARG A 177 -16.64 -14.68 -12.39
CA ARG A 177 -17.26 -14.69 -13.70
C ARG A 177 -16.28 -14.27 -14.80
N ASN A 178 -14.97 -14.32 -14.50
CA ASN A 178 -13.88 -14.15 -15.48
C ASN A 178 -13.81 -12.75 -16.08
N VAL A 179 -14.24 -11.77 -15.32
CA VAL A 179 -14.07 -10.39 -15.69
C VAL A 179 -13.11 -9.81 -14.66
N THR A 180 -12.00 -9.27 -15.14
CA THR A 180 -11.05 -8.69 -14.21
C THR A 180 -11.26 -7.20 -14.24
N VAL A 181 -10.92 -6.57 -13.12
CA VAL A 181 -10.95 -5.14 -13.05
C VAL A 181 -9.71 -4.62 -12.32
N ASN A 182 -8.97 -3.78 -13.03
CA ASN A 182 -7.65 -3.37 -12.60
C ASN A 182 -7.50 -1.95 -12.94
N CYS A 183 -6.54 -1.32 -12.28
CA CYS A 183 -6.20 0.06 -12.56
C CYS A 183 -4.77 0.16 -13.03
N ILE A 184 -4.49 1.19 -13.80
CA ILE A 184 -3.14 1.57 -14.13
C ILE A 184 -3.00 2.97 -13.59
N ALA A 185 -1.90 3.21 -12.91
CA ALA A 185 -1.61 4.52 -12.32
C ALA A 185 -0.42 5.14 -13.06
N PRO A 186 -0.71 5.96 -14.09
CA PRO A 186 0.39 6.68 -14.75
C PRO A 186 1.03 7.65 -13.79
N GLY A 187 2.35 7.78 -13.88
CA GLY A 187 3.03 8.88 -13.24
C GLY A 187 2.89 10.09 -14.14
N PHE A 188 3.98 10.80 -14.34
CA PHE A 188 3.91 11.97 -15.19
C PHE A 188 4.24 11.63 -16.63
N ILE A 189 3.24 11.85 -17.48
CA ILE A 189 3.26 11.42 -18.87
C ILE A 189 3.28 12.65 -19.76
N GLU A 190 4.14 12.60 -20.75
CA GLU A 190 4.24 13.60 -21.80
C GLU A 190 2.88 13.84 -22.45
N SER A 191 2.36 15.07 -22.30
CA SER A 191 1.10 15.48 -22.91
C SER A 191 1.12 16.97 -23.27
N LYS A 200 10.64 25.89 -14.58
CA LYS A 200 10.98 25.30 -13.29
C LYS A 200 10.19 24.01 -13.06
N GLN A 201 8.88 24.13 -13.20
CA GLN A 201 7.89 23.07 -12.94
C GLN A 201 8.26 21.63 -13.33
N LYS A 202 8.75 21.46 -14.57
CA LYS A 202 9.19 20.16 -15.09
C LYS A 202 10.36 19.54 -14.32
N ASP A 203 11.38 20.35 -14.04
CA ASP A 203 12.57 19.92 -13.28
C ASP A 203 12.21 19.47 -11.88
N ALA A 204 11.23 20.15 -11.28
CA ALA A 204 10.72 19.82 -9.96
C ALA A 204 10.10 18.43 -9.94
N ILE A 205 9.32 18.13 -10.96
CA ILE A 205 8.65 16.84 -11.09
C ILE A 205 9.67 15.77 -11.43
N MET A 206 10.52 16.09 -12.41
CA MET A 206 11.59 15.23 -12.86
C MET A 206 12.53 14.79 -11.74
N GLY A 207 12.72 15.68 -10.76
CA GLY A 207 13.61 15.41 -9.63
C GLY A 207 13.13 14.23 -8.79
N ASN A 208 11.81 14.04 -8.74
CA ASN A 208 11.20 12.91 -8.04
C ASN A 208 11.01 11.68 -8.91
N ILE A 209 11.50 11.71 -10.14
CA ILE A 209 11.42 10.56 -11.01
C ILE A 209 12.80 9.94 -11.18
N PRO A 210 13.04 8.78 -10.52
CA PRO A 210 14.31 8.07 -10.62
C PRO A 210 14.81 7.89 -12.05
N MET A 211 13.91 7.58 -12.97
CA MET A 211 14.27 7.44 -14.38
C MET A 211 14.58 8.74 -15.11
N LYS A 212 14.11 9.86 -14.56
CA LYS A 212 14.46 11.19 -15.07
C LYS A 212 14.03 11.40 -16.52
N ARG A 213 12.88 10.81 -16.85
CA ARG A 213 12.21 11.08 -18.09
C ARG A 213 10.73 11.04 -17.81
N MET A 214 9.98 11.77 -18.62
CA MET A 214 8.53 11.72 -18.61
C MET A 214 8.10 10.37 -19.14
N GLY A 215 6.93 9.91 -18.72
CA GLY A 215 6.31 8.76 -19.38
C GLY A 215 5.80 9.18 -20.74
N VAL A 216 5.51 8.19 -21.57
CA VAL A 216 4.84 8.42 -22.84
C VAL A 216 3.59 7.54 -22.87
N GLY A 217 2.63 7.92 -23.71
CA GLY A 217 1.39 7.15 -23.87
C GLY A 217 1.63 5.66 -23.99
N ALA A 218 2.61 5.27 -24.80
CA ALA A 218 2.94 3.87 -25.04
C ALA A 218 3.33 3.10 -23.77
N ASP A 219 3.89 3.80 -22.77
CA ASP A 219 4.18 3.18 -21.45
C ASP A 219 2.89 2.66 -20.80
N ILE A 220 1.86 3.50 -20.84
CA ILE A 220 0.56 3.18 -20.30
C ILE A 220 -0.19 2.18 -21.18
N ALA A 221 -0.13 2.43 -22.49
CA ALA A 221 -0.77 1.58 -23.48
C ALA A 221 -0.31 0.14 -23.37
N ALA A 222 0.99 -0.09 -23.13
CA ALA A 222 1.49 -1.47 -23.00
C ALA A 222 0.95 -2.15 -21.75
N ALA A 223 0.82 -1.37 -20.69
CA ALA A 223 0.24 -1.87 -19.45
C ALA A 223 -1.24 -2.21 -19.66
N VAL A 224 -1.91 -1.43 -20.50
CA VAL A 224 -3.31 -1.76 -20.87
C VAL A 224 -3.40 -3.09 -21.59
N VAL A 225 -2.52 -3.30 -22.57
CA VAL A 225 -2.49 -4.52 -23.34
C VAL A 225 -2.19 -5.70 -22.43
N TYR A 226 -1.24 -5.51 -21.52
CA TYR A 226 -0.94 -6.54 -20.56
C TYR A 226 -2.20 -6.95 -19.76
N LEU A 227 -2.87 -5.97 -19.17
CA LEU A 227 -4.03 -6.22 -18.34
C LEU A 227 -5.20 -6.77 -19.13
N ALA A 228 -5.33 -6.31 -20.38
CA ALA A 228 -6.40 -6.71 -21.29
C ALA A 228 -6.26 -8.15 -21.76
N SER A 229 -5.01 -8.64 -21.76
CA SER A 229 -4.67 -9.93 -22.31
C SER A 229 -5.27 -11.10 -21.55
N ASP A 230 -5.44 -12.21 -22.26
CA ASP A 230 -5.80 -13.48 -21.65
C ASP A 230 -4.80 -13.86 -20.57
N GLU A 231 -3.54 -13.55 -20.80
CA GLU A 231 -2.44 -13.88 -19.88
C GLU A 231 -2.55 -13.21 -18.51
N ALA A 232 -3.33 -12.14 -18.43
CA ALA A 232 -3.53 -11.43 -17.18
C ALA A 232 -4.90 -11.76 -16.57
N ALA A 233 -5.43 -12.92 -16.93
CA ALA A 233 -6.71 -13.41 -16.39
C ALA A 233 -6.68 -13.62 -14.89
N TYR A 234 -5.48 -13.85 -14.33
CA TYR A 234 -5.38 -14.06 -12.89
C TYR A 234 -5.07 -12.77 -12.12
N VAL A 235 -5.11 -11.66 -12.83
CA VAL A 235 -4.84 -10.37 -12.21
C VAL A 235 -6.14 -9.63 -12.10
N THR A 236 -6.54 -9.32 -10.86
CA THR A 236 -7.72 -8.48 -10.68
C THR A 236 -7.63 -7.70 -9.37
N GLY A 237 -8.21 -6.50 -9.41
CA GLY A 237 -8.24 -5.66 -8.24
C GLY A 237 -6.96 -4.93 -7.99
N GLN A 238 -6.10 -4.90 -9.01
CA GLN A 238 -4.76 -4.38 -8.85
C GLN A 238 -4.57 -2.99 -9.46
N THR A 239 -3.51 -2.32 -9.02
CA THR A 239 -3.10 -1.03 -9.53
C THR A 239 -1.66 -1.16 -10.01
N LEU A 240 -1.48 -1.02 -11.31
CA LEU A 240 -0.18 -1.14 -11.96
C LEU A 240 0.42 0.24 -12.12
N HIS A 241 1.49 0.48 -11.39
CA HIS A 241 2.13 1.79 -11.38
C HIS A 241 3.15 1.94 -12.48
N VAL A 242 2.91 2.87 -13.39
CA VAL A 242 3.80 3.05 -14.53
C VAL A 242 4.25 4.51 -14.44
N ASN A 243 5.42 4.70 -13.81
CA ASN A 243 5.75 6.02 -13.31
C ASN A 243 7.24 6.33 -13.20
N GLY A 244 8.07 5.52 -13.83
CA GLY A 244 9.53 5.70 -13.81
C GLY A 244 10.14 5.65 -12.41
N GLY A 245 9.46 4.95 -11.49
CA GLY A 245 9.83 4.86 -10.10
C GLY A 245 9.48 6.03 -9.21
N MET A 246 8.70 6.97 -9.72
CA MET A 246 8.28 8.17 -8.97
C MET A 246 7.56 7.89 -7.65
N ALA A 247 6.77 6.81 -7.63
CA ALA A 247 6.21 6.29 -6.39
C ALA A 247 6.33 4.78 -6.50
N MET A 248 6.82 4.16 -5.44
CA MET A 248 7.05 2.73 -5.44
C MET A 248 6.16 2.08 -4.42
N ILE A 249 5.22 1.27 -4.90
N ILE A 249 5.16 1.35 -4.89
CA ILE A 249 4.26 0.58 -4.05
CA ILE A 249 4.21 0.70 -4.00
C ILE A 249 4.65 -0.89 -3.82
C ILE A 249 4.50 -0.81 -3.95
N PRO B 2 11.27 -9.40 -33.63
CA PRO B 2 11.72 -8.13 -33.09
C PRO B 2 10.77 -6.96 -33.40
N GLY B 3 10.63 -6.05 -32.45
CA GLY B 3 9.78 -4.87 -32.64
C GLY B 3 8.28 -5.12 -32.44
N SER B 4 7.89 -6.39 -32.32
CA SER B 4 6.51 -6.74 -31.96
C SER B 4 6.35 -6.54 -30.47
N MET B 5 5.12 -6.60 -29.97
CA MET B 5 4.87 -6.18 -28.59
C MET B 5 5.31 -7.24 -27.60
N PHE B 6 6.13 -6.82 -26.62
CA PHE B 6 6.66 -7.70 -25.56
C PHE B 6 7.63 -8.75 -26.10
N ASP B 7 8.18 -8.48 -27.28
CA ASP B 7 9.19 -9.32 -27.87
C ASP B 7 10.49 -9.28 -27.06
N LEU B 8 11.04 -10.45 -26.76
CA LEU B 8 12.30 -10.54 -26.01
C LEU B 8 13.41 -11.24 -26.81
N THR B 9 13.31 -11.18 -28.13
CA THR B 9 14.25 -11.88 -29.02
C THR B 9 15.69 -11.46 -28.76
N GLY B 10 16.54 -12.44 -28.50
CA GLY B 10 17.97 -12.17 -28.31
C GLY B 10 18.30 -11.62 -26.93
N ARG B 11 17.25 -11.37 -26.14
CA ARG B 11 17.43 -10.97 -24.75
C ARG B 11 17.89 -12.16 -23.93
N LYS B 12 18.91 -11.97 -23.12
CA LYS B 12 19.42 -13.06 -22.27
C LYS B 12 18.76 -12.97 -20.89
N ALA B 13 18.17 -14.06 -20.46
CA ALA B 13 17.49 -14.08 -19.18
C ALA B 13 18.08 -15.18 -18.33
N LEU B 14 18.29 -14.88 -17.06
CA LEU B 14 18.64 -15.91 -16.10
C LEU B 14 17.46 -16.14 -15.16
N VAL B 15 17.02 -17.39 -15.05
CA VAL B 15 15.92 -17.73 -14.18
C VAL B 15 16.37 -18.69 -13.09
N THR B 16 16.34 -18.23 -11.84
CA THR B 16 16.64 -19.11 -10.71
C THR B 16 15.44 -19.96 -10.30
N GLY B 17 15.71 -21.17 -9.80
CA GLY B 17 14.66 -22.14 -9.50
C GLY B 17 13.84 -22.48 -10.75
N ALA B 18 14.52 -22.65 -11.88
CA ALA B 18 13.90 -22.85 -13.18
C ALA B 18 13.30 -24.25 -13.38
N THR B 19 13.63 -25.17 -12.49
CA THR B 19 13.00 -26.49 -12.52
C THR B 19 11.68 -26.52 -11.76
N GLY B 20 11.49 -25.55 -10.87
CA GLY B 20 10.26 -25.46 -10.08
C GLY B 20 9.04 -25.09 -10.88
N GLY B 21 7.87 -25.17 -10.25
CA GLY B 21 6.62 -24.72 -10.84
C GLY B 21 6.70 -23.39 -11.55
N LEU B 22 6.94 -22.33 -10.80
CA LEU B 22 6.95 -20.99 -11.38
C LEU B 22 8.13 -20.80 -12.30
N GLY B 23 9.31 -21.22 -11.83
CA GLY B 23 10.57 -21.08 -12.57
C GLY B 23 10.48 -21.68 -13.95
N GLU B 24 9.93 -22.89 -14.04
CA GLU B 24 9.76 -23.53 -15.33
C GLU B 24 8.83 -22.75 -16.25
N ALA B 25 7.67 -22.35 -15.73
CA ALA B 25 6.72 -21.55 -16.52
C ALA B 25 7.34 -20.24 -17.00
N ILE B 26 8.12 -19.62 -16.12
CA ILE B 26 8.81 -18.39 -16.43
C ILE B 26 9.81 -18.62 -17.58
N ALA B 27 10.64 -19.64 -17.44
CA ALA B 27 11.64 -20.01 -18.46
C ALA B 27 10.96 -20.27 -19.82
N ARG B 28 9.88 -21.05 -19.83
CA ARG B 28 9.14 -21.35 -21.05
C ARG B 28 8.58 -20.11 -21.73
N ALA B 29 7.96 -19.22 -20.96
CA ALA B 29 7.38 -18.00 -21.50
C ALA B 29 8.48 -17.10 -22.05
N LEU B 30 9.55 -16.92 -21.29
CA LEU B 30 10.68 -16.12 -21.74
C LEU B 30 11.27 -16.73 -23.03
N HIS B 31 11.42 -18.04 -23.05
CA HIS B 31 11.92 -18.76 -24.22
C HIS B 31 10.99 -18.55 -25.43
N ALA B 32 9.70 -18.79 -25.24
CA ALA B 32 8.67 -18.54 -26.27
C ALA B 32 8.71 -17.13 -26.83
N GLN B 33 9.08 -16.17 -26.00
CA GLN B 33 9.24 -14.79 -26.42
C GLN B 33 10.59 -14.47 -27.10
N GLY B 34 11.37 -15.51 -27.42
CA GLY B 34 12.60 -15.33 -28.18
C GLY B 34 13.83 -15.06 -27.33
N ALA B 35 13.66 -15.14 -26.01
CA ALA B 35 14.76 -14.96 -25.08
C ALA B 35 15.74 -16.13 -25.07
N ILE B 36 17.01 -15.82 -24.83
CA ILE B 36 18.00 -16.85 -24.54
C ILE B 36 17.98 -17.06 -23.02
N VAL B 37 17.66 -18.27 -22.58
CA VAL B 37 17.35 -18.49 -21.17
C VAL B 37 18.37 -19.34 -20.41
N GLY B 38 18.92 -18.73 -19.37
CA GLY B 38 19.77 -19.43 -18.39
C GLY B 38 18.90 -20.10 -17.35
N LEU B 39 18.89 -21.42 -17.37
CA LEU B 39 18.12 -22.23 -16.44
C LEU B 39 18.95 -22.55 -15.20
N HIS B 40 18.69 -21.85 -14.10
CA HIS B 40 19.30 -22.20 -12.83
C HIS B 40 18.44 -23.21 -12.05
N GLY B 41 19.13 -24.12 -11.37
CA GLY B 41 18.50 -25.07 -10.47
C GLY B 41 19.56 -25.76 -9.64
N THR B 42 19.17 -26.78 -8.88
CA THR B 42 20.14 -27.51 -8.07
C THR B 42 20.39 -28.88 -8.67
N ARG B 43 19.34 -29.49 -9.22
CA ARG B 43 19.44 -30.81 -9.82
C ARG B 43 19.79 -30.68 -11.30
N GLU B 44 21.10 -30.66 -11.56
CA GLU B 44 21.68 -30.51 -12.89
C GLU B 44 21.00 -31.40 -13.95
N GLU B 45 20.60 -32.59 -13.53
CA GLU B 45 19.90 -33.53 -14.39
C GLU B 45 18.60 -32.91 -14.91
N LYS B 46 17.68 -32.62 -13.98
CA LYS B 46 16.38 -32.02 -14.29
C LYS B 46 16.49 -30.73 -15.11
N LEU B 47 17.61 -30.02 -14.92
CA LEU B 47 17.93 -28.83 -15.68
C LEU B 47 18.22 -29.18 -17.15
N LYS B 48 19.10 -30.16 -17.35
CA LYS B 48 19.49 -30.64 -18.69
C LYS B 48 18.30 -31.18 -19.45
N GLU B 49 17.37 -31.77 -18.71
CA GLU B 49 16.14 -32.36 -19.23
C GLU B 49 15.17 -31.29 -19.73
N LEU B 50 15.09 -30.19 -18.99
CA LEU B 50 14.28 -29.03 -19.40
C LEU B 50 14.96 -28.32 -20.57
N ALA B 51 16.29 -28.27 -20.52
CA ALA B 51 17.10 -27.71 -21.60
C ALA B 51 16.84 -28.44 -22.93
N ALA B 52 16.76 -29.76 -22.85
CA ALA B 52 16.48 -30.60 -24.01
C ALA B 52 15.06 -30.41 -24.56
N GLU B 53 14.08 -30.20 -23.67
CA GLU B 53 12.70 -29.97 -24.11
C GLU B 53 12.57 -28.69 -24.91
N LEU B 54 13.14 -27.61 -24.38
CA LEU B 54 13.12 -26.32 -25.07
C LEU B 54 14.13 -26.28 -26.23
N GLY B 55 15.17 -27.10 -26.15
CA GLY B 55 16.20 -27.19 -27.18
C GLY B 55 17.12 -25.98 -27.18
N GLU B 56 16.99 -25.14 -28.19
CA GLU B 56 17.96 -24.09 -28.45
C GLU B 56 17.78 -22.84 -27.58
N ARG B 57 18.77 -21.95 -27.58
CA ARG B 57 18.78 -20.71 -26.78
C ARG B 57 18.63 -20.95 -25.28
N ILE B 58 19.28 -22.02 -24.79
CA ILE B 58 19.21 -22.43 -23.40
C ILE B 58 20.62 -22.70 -22.83
N PHE B 59 20.85 -22.19 -21.63
CA PHE B 59 22.01 -22.54 -20.81
C PHE B 59 21.52 -23.22 -19.54
N VAL B 60 22.26 -24.21 -19.06
CA VAL B 60 22.00 -24.83 -17.78
C VAL B 60 23.05 -24.39 -16.76
N PHE B 61 22.58 -23.86 -15.63
CA PHE B 61 23.45 -23.32 -14.58
C PHE B 61 23.09 -23.84 -13.18
N PRO B 62 23.61 -25.04 -12.84
CA PRO B 62 23.33 -25.55 -11.49
C PRO B 62 24.07 -24.75 -10.42
N ALA B 63 23.36 -24.41 -9.34
CA ALA B 63 24.00 -23.76 -8.19
C ALA B 63 23.17 -23.95 -6.92
N ASN B 64 23.88 -24.01 -5.80
CA ASN B 64 23.27 -24.06 -4.47
C ASN B 64 23.18 -22.62 -3.98
N LEU B 65 21.97 -22.10 -3.91
CA LEU B 65 21.76 -20.71 -3.55
C LEU B 65 21.96 -20.43 -2.05
N SER B 66 22.09 -21.48 -1.26
CA SER B 66 22.52 -21.35 0.15
C SER B 66 23.99 -20.97 0.24
N ASP B 67 24.75 -21.40 -0.76
CA ASP B 67 26.19 -21.24 -0.82
C ASP B 67 26.48 -19.91 -1.49
N ARG B 68 26.79 -18.92 -0.67
CA ARG B 68 27.04 -17.58 -1.13
C ARG B 68 28.05 -17.48 -2.28
N GLU B 69 29.10 -18.31 -2.22
CA GLU B 69 30.14 -18.29 -3.23
C GLU B 69 29.63 -18.92 -4.53
N ALA B 70 28.78 -19.95 -4.40
CA ALA B 70 28.13 -20.54 -5.56
C ALA B 70 27.19 -19.53 -6.26
N VAL B 71 26.51 -18.72 -5.45
CA VAL B 71 25.63 -17.65 -5.95
C VAL B 71 26.44 -16.63 -6.77
N LYS B 72 27.57 -16.23 -6.19
CA LYS B 72 28.49 -15.32 -6.88
C LYS B 72 29.00 -15.93 -8.18
N ALA B 73 29.40 -17.21 -8.14
CA ALA B 73 29.85 -17.94 -9.33
C ALA B 73 28.73 -18.01 -10.39
N LEU B 74 27.50 -18.27 -9.93
CA LEU B 74 26.33 -18.34 -10.79
C LEU B 74 26.22 -17.10 -11.66
N GLY B 75 26.16 -15.94 -11.02
CA GLY B 75 26.03 -14.68 -11.73
C GLY B 75 27.16 -14.43 -12.70
N GLN B 76 28.38 -14.79 -12.31
CA GLN B 76 29.55 -14.56 -13.15
C GLN B 76 29.54 -15.48 -14.35
N LYS B 77 29.22 -16.75 -14.10
CA LYS B 77 29.13 -17.78 -15.12
C LYS B 77 28.05 -17.40 -16.14
N ALA B 78 26.88 -16.99 -15.65
CA ALA B 78 25.77 -16.58 -16.52
C ALA B 78 26.16 -15.35 -17.32
N GLU B 79 26.75 -14.37 -16.66
CA GLU B 79 27.19 -13.14 -17.30
C GLU B 79 28.18 -13.44 -18.44
N GLU B 80 29.09 -14.39 -18.18
CA GLU B 80 30.11 -14.73 -19.16
C GLU B 80 29.53 -15.52 -20.31
N GLU B 81 28.96 -16.68 -19.98
CA GLU B 81 28.56 -17.66 -20.97
C GLU B 81 27.39 -17.24 -21.86
N MET B 82 26.51 -16.36 -21.33
CA MET B 82 25.36 -15.87 -22.12
C MET B 82 25.67 -14.58 -22.86
N GLY B 83 26.86 -14.05 -22.62
CA GLY B 83 27.31 -12.82 -23.27
C GLY B 83 26.63 -11.61 -22.69
N GLY B 84 26.38 -11.66 -21.39
CA GLY B 84 25.71 -10.58 -20.68
C GLY B 84 24.28 -10.98 -20.40
N VAL B 85 23.84 -10.79 -19.15
CA VAL B 85 22.45 -11.09 -18.77
C VAL B 85 21.66 -9.80 -18.86
N ASP B 86 20.55 -9.83 -19.61
CA ASP B 86 19.69 -8.65 -19.72
C ASP B 86 18.59 -8.68 -18.66
N ILE B 87 18.18 -9.90 -18.33
CA ILE B 87 17.02 -10.14 -17.49
C ILE B 87 17.34 -11.12 -16.37
N LEU B 88 17.21 -10.64 -15.15
CA LEU B 88 17.38 -11.52 -14.00
C LEU B 88 16.04 -11.69 -13.36
N VAL B 89 15.63 -12.95 -13.29
CA VAL B 89 14.43 -13.35 -12.59
C VAL B 89 14.84 -14.13 -11.36
N ASN B 90 14.73 -13.46 -10.22
CA ASN B 90 15.02 -14.06 -8.93
C ASN B 90 13.78 -14.79 -8.45
N ASN B 91 13.69 -16.07 -8.77
CA ASN B 91 12.47 -16.81 -8.54
C ASN B 91 12.60 -17.83 -7.43
N ALA B 92 13.81 -18.37 -7.31
CA ALA B 92 14.09 -19.41 -6.34
C ALA B 92 13.90 -18.83 -4.95
N GLY B 93 13.28 -19.64 -4.10
CA GLY B 93 13.01 -19.25 -2.75
C GLY B 93 12.67 -20.53 -2.05
N ILE B 94 12.80 -20.49 -0.72
CA ILE B 94 12.52 -21.63 0.11
C ILE B 94 11.62 -21.14 1.24
N THR B 95 10.98 -22.09 1.89
CA THR B 95 10.20 -21.83 3.09
C THR B 95 10.75 -22.71 4.18
N ARG B 96 10.65 -22.25 5.43
CA ARG B 96 10.79 -23.09 6.62
C ARG B 96 9.66 -22.70 7.57
N ASP B 97 8.48 -23.21 7.25
CA ASP B 97 7.26 -22.73 7.84
C ASP B 97 7.12 -23.28 9.21
N GLY B 98 6.36 -22.57 10.03
CA GLY B 98 6.08 -22.97 11.38
C GLY B 98 5.87 -21.73 12.20
N LEU B 99 5.21 -21.91 13.34
CA LEU B 99 4.97 -20.81 14.26
C LEU B 99 6.27 -20.19 14.72
N PHE B 100 6.22 -18.88 14.86
CA PHE B 100 7.35 -18.11 15.32
C PHE B 100 7.91 -18.59 16.67
N VAL B 101 7.02 -19.00 17.57
CA VAL B 101 7.46 -19.46 18.89
C VAL B 101 8.28 -20.76 18.81
N ARG B 102 8.11 -21.50 17.70
CA ARG B 102 8.83 -22.74 17.46
C ARG B 102 9.96 -22.52 16.43
N MET B 103 10.14 -21.28 16.00
CA MET B 103 11.02 -20.99 14.87
C MET B 103 12.47 -20.87 15.29
N SER B 104 13.28 -21.85 14.87
CA SER B 104 14.69 -21.90 15.20
C SER B 104 15.46 -20.82 14.48
N ASP B 105 16.68 -20.57 14.98
CA ASP B 105 17.63 -19.69 14.32
C ASP B 105 17.88 -20.16 12.90
N GLU B 106 18.00 -21.47 12.71
CA GLU B 106 18.27 -22.08 11.40
C GLU B 106 17.14 -21.88 10.41
N ASP B 107 15.90 -22.04 10.88
CA ASP B 107 14.71 -21.83 10.07
C ASP B 107 14.62 -20.40 9.60
N TRP B 108 14.96 -19.49 10.50
CA TRP B 108 14.98 -18.06 10.19
C TRP B 108 16.14 -17.78 9.25
N ASP B 109 17.34 -18.18 9.66
CA ASP B 109 18.54 -17.86 8.89
C ASP B 109 18.50 -18.43 7.47
N ALA B 110 18.10 -19.70 7.35
CA ALA B 110 18.04 -20.35 6.05
C ALA B 110 17.14 -19.58 5.09
N VAL B 111 15.94 -19.24 5.55
CA VAL B 111 14.98 -18.54 4.71
C VAL B 111 15.48 -17.17 4.30
N LEU B 112 16.03 -16.41 5.25
CA LEU B 112 16.48 -15.07 4.92
C LEU B 112 17.71 -15.11 4.02
N THR B 113 18.60 -16.09 4.22
CA THR B 113 19.81 -16.12 3.41
C THR B 113 19.51 -16.47 1.95
N VAL B 114 18.68 -17.48 1.73
CA VAL B 114 18.33 -17.89 0.37
C VAL B 114 17.40 -16.85 -0.30
N ASN B 115 16.32 -16.47 0.39
CA ASN B 115 15.27 -15.62 -0.20
C ASN B 115 15.65 -14.16 -0.33
N LEU B 116 16.57 -13.71 0.51
CA LEU B 116 16.95 -12.31 0.47
C LEU B 116 18.41 -12.12 0.13
N THR B 117 19.29 -12.69 0.95
CA THR B 117 20.73 -12.50 0.78
C THR B 117 21.24 -13.10 -0.55
N SER B 118 20.82 -14.31 -0.89
CA SER B 118 21.23 -14.88 -2.16
C SER B 118 20.73 -14.00 -3.32
N VAL B 119 19.56 -13.40 -3.16
CA VAL B 119 19.04 -12.45 -4.14
C VAL B 119 19.91 -11.20 -4.24
N PHE B 120 20.27 -10.62 -3.10
CA PHE B 120 21.19 -9.49 -3.06
C PHE B 120 22.49 -9.85 -3.82
N ASN B 121 23.04 -11.03 -3.56
CA ASN B 121 24.32 -11.41 -4.17
C ASN B 121 24.21 -11.69 -5.67
N LEU B 122 23.22 -12.48 -6.05
CA LEU B 122 23.01 -12.76 -7.45
C LEU B 122 22.82 -11.45 -8.19
N THR B 123 21.97 -10.59 -7.65
CA THR B 123 21.69 -9.29 -8.25
C THR B 123 22.94 -8.42 -8.34
N ARG B 124 23.78 -8.47 -7.31
CA ARG B 124 24.99 -7.66 -7.31
C ARG B 124 25.94 -8.09 -8.42
N GLU B 125 25.95 -9.39 -8.74
CA GLU B 125 26.77 -9.92 -9.82
C GLU B 125 26.42 -9.32 -11.18
N LEU B 126 25.14 -9.05 -11.40
CA LEU B 126 24.64 -8.75 -12.74
C LEU B 126 24.24 -7.29 -12.93
N THR B 127 24.13 -6.53 -11.85
CA THR B 127 23.57 -5.18 -11.93
C THR B 127 24.46 -4.20 -12.67
N HIS B 128 25.73 -4.08 -12.30
CA HIS B 128 26.62 -3.15 -13.00
C HIS B 128 26.77 -3.47 -14.51
N PRO B 129 27.02 -4.74 -14.87
CA PRO B 129 26.97 -5.17 -16.27
C PRO B 129 25.74 -4.64 -17.00
N MET B 130 24.55 -4.87 -16.43
CA MET B 130 23.31 -4.28 -16.96
C MET B 130 23.37 -2.77 -17.12
N MET B 131 23.86 -2.08 -16.08
CA MET B 131 23.96 -0.62 -16.11
C MET B 131 24.91 -0.12 -17.20
N ARG B 132 26.04 -0.80 -17.35
CA ARG B 132 27.01 -0.51 -18.42
C ARG B 132 26.34 -0.68 -19.78
N ARG B 133 25.56 -1.75 -19.92
CA ARG B 133 24.75 -1.94 -21.12
C ARG B 133 23.58 -0.95 -21.26
N ARG B 134 23.32 -0.14 -20.23
CA ARG B 134 22.17 0.79 -20.20
C ARG B 134 20.85 0.10 -20.51
N ASN B 135 20.74 -1.14 -20.09
CA ASN B 135 19.56 -1.92 -20.28
C ASN B 135 19.62 -3.10 -19.33
N GLY B 136 18.57 -3.28 -18.55
CA GLY B 136 18.43 -4.45 -17.73
C GLY B 136 17.04 -4.59 -17.13
N ARG B 137 16.70 -5.81 -16.77
CA ARG B 137 15.47 -6.12 -16.06
C ARG B 137 15.86 -7.01 -14.89
N ILE B 138 15.61 -6.55 -13.67
CA ILE B 138 15.66 -7.43 -12.49
C ILE B 138 14.21 -7.64 -12.01
N ILE B 139 13.79 -8.91 -12.02
CA ILE B 139 12.41 -9.23 -11.71
C ILE B 139 12.44 -10.21 -10.58
N ASN B 140 11.94 -9.77 -9.43
CA ASN B 140 12.00 -10.54 -8.21
C ASN B 140 10.66 -11.13 -7.88
N ILE B 141 10.66 -12.42 -7.71
CA ILE B 141 9.45 -13.12 -7.37
C ILE B 141 9.32 -13.10 -5.84
N THR B 142 8.38 -12.26 -5.38
CA THR B 142 8.08 -12.18 -3.97
C THR B 142 6.85 -13.04 -3.71
N SER B 143 5.94 -12.61 -2.85
CA SER B 143 4.76 -13.39 -2.53
C SER B 143 3.74 -12.45 -1.99
N ILE B 144 2.47 -12.77 -2.23
CA ILE B 144 1.35 -12.05 -1.63
C ILE B 144 1.61 -11.83 -0.16
N VAL B 145 2.19 -12.85 0.43
CA VAL B 145 2.41 -12.99 1.85
C VAL B 145 3.48 -11.99 2.38
N GLY B 146 4.29 -11.46 1.46
CA GLY B 146 5.24 -10.38 1.80
C GLY B 146 4.52 -9.08 2.06
N VAL B 147 3.32 -8.98 1.53
CA VAL B 147 2.52 -7.78 1.66
C VAL B 147 1.42 -7.98 2.73
N THR B 148 0.85 -9.19 2.79
CA THR B 148 -0.25 -9.46 3.72
C THR B 148 0.18 -9.95 5.12
N GLY B 149 1.34 -10.59 5.19
CA GLY B 149 1.67 -11.41 6.36
C GLY B 149 0.92 -12.73 6.22
N ASN B 150 1.40 -13.73 6.94
CA ASN B 150 0.77 -15.03 6.90
C ASN B 150 1.33 -15.75 8.08
N PRO B 151 0.42 -16.30 8.93
CA PRO B 151 0.85 -17.03 10.11
C PRO B 151 1.67 -18.27 9.68
N GLY B 152 2.65 -18.67 10.48
CA GLY B 152 3.54 -19.78 10.12
C GLY B 152 4.66 -19.41 9.16
N GLN B 153 4.75 -18.15 8.79
CA GLN B 153 5.75 -17.76 7.79
C GLN B 153 6.49 -16.49 8.16
N ALA B 154 6.78 -16.32 9.45
CA ALA B 154 7.42 -15.07 9.90
C ALA B 154 8.68 -14.80 9.10
N ASN B 155 9.46 -15.86 8.92
CA ASN B 155 10.71 -15.84 8.18
C ASN B 155 10.48 -15.57 6.70
N TYR B 156 9.57 -16.33 6.09
CA TYR B 156 9.24 -16.17 4.68
C TYR B 156 8.70 -14.77 4.38
N CYS B 157 7.78 -14.30 5.21
CA CYS B 157 7.19 -12.96 5.04
C CYS B 157 8.21 -11.86 5.18
N ALA B 158 9.08 -11.97 6.20
CA ALA B 158 10.20 -11.06 6.34
C ALA B 158 11.06 -11.05 5.07
N SER B 159 11.42 -12.24 4.57
CA SER B 159 12.26 -12.33 3.38
C SER B 159 11.60 -11.72 2.14
N LYS B 160 10.30 -11.96 1.96
CA LYS B 160 9.56 -11.51 0.80
C LYS B 160 9.23 -10.01 0.87
N ALA B 161 8.87 -9.53 2.05
CA ALA B 161 8.73 -8.11 2.27
C ALA B 161 10.06 -7.41 2.08
N GLY B 162 11.13 -7.97 2.64
CA GLY B 162 12.50 -7.41 2.47
C GLY B 162 12.91 -7.33 0.99
N LEU B 163 12.57 -8.36 0.23
CA LEU B 163 12.85 -8.42 -1.19
C LEU B 163 12.24 -7.22 -1.91
N ILE B 164 11.00 -6.91 -1.58
CA ILE B 164 10.35 -5.72 -2.09
C ILE B 164 11.06 -4.42 -1.72
N GLY B 165 11.42 -4.24 -0.45
CA GLY B 165 12.13 -3.05 -0.01
C GLY B 165 13.50 -2.91 -0.67
N PHE B 166 14.20 -4.03 -0.78
CA PHE B 166 15.45 -4.12 -1.54
C PHE B 166 15.27 -3.64 -2.98
N SER B 167 14.23 -4.16 -3.64
CA SER B 167 13.91 -3.84 -5.02
C SER B 167 13.63 -2.35 -5.23
N LYS B 168 12.87 -1.76 -4.32
CA LYS B 168 12.55 -0.34 -4.38
C LYS B 168 13.80 0.55 -4.23
N SER B 169 14.66 0.21 -3.27
CA SER B 169 15.91 0.92 -3.11
C SER B 169 16.75 0.82 -4.38
N LEU B 170 16.98 -0.41 -4.82
CA LEU B 170 17.75 -0.67 -6.05
C LEU B 170 17.15 -0.01 -7.30
N ALA B 171 15.83 -0.13 -7.48
CA ALA B 171 15.15 0.53 -8.59
C ALA B 171 15.52 2.00 -8.67
N GLN B 172 15.49 2.66 -7.52
CA GLN B 172 15.85 4.07 -7.39
C GLN B 172 17.30 4.38 -7.76
N GLU B 173 18.23 3.49 -7.41
CA GLU B 173 19.64 3.74 -7.69
C GLU B 173 19.99 3.57 -9.16
N ILE B 174 19.37 2.61 -9.82
CA ILE B 174 19.79 2.22 -11.14
C ILE B 174 18.80 2.61 -12.25
N ALA B 175 17.73 3.30 -11.89
CA ALA B 175 16.71 3.76 -12.85
C ALA B 175 17.28 4.64 -13.99
N SER B 176 18.18 5.57 -13.67
CA SER B 176 18.82 6.43 -14.67
C SER B 176 19.67 5.64 -15.66
N ARG B 177 19.94 4.37 -15.34
CA ARG B 177 20.71 3.49 -16.23
C ARG B 177 19.84 2.50 -17.02
N ASN B 178 18.53 2.73 -16.97
CA ASN B 178 17.55 1.96 -17.76
C ASN B 178 17.58 0.49 -17.39
N VAL B 179 17.85 0.26 -16.12
CA VAL B 179 17.75 -1.05 -15.53
C VAL B 179 16.58 -0.91 -14.57
N THR B 180 15.56 -1.72 -14.80
CA THR B 180 14.38 -1.65 -13.94
C THR B 180 14.44 -2.78 -12.94
N VAL B 181 13.88 -2.54 -11.76
CA VAL B 181 13.73 -3.61 -10.80
C VAL B 181 12.33 -3.61 -10.18
N ASN B 182 11.68 -4.76 -10.28
CA ASN B 182 10.27 -4.94 -9.97
C ASN B 182 10.08 -6.30 -9.37
N CYS B 183 8.98 -6.44 -8.64
CA CYS B 183 8.59 -7.69 -8.04
C CYS B 183 7.27 -8.15 -8.60
N ILE B 184 7.12 -9.46 -8.62
CA ILE B 184 5.84 -10.06 -8.86
C ILE B 184 5.50 -10.81 -7.60
N ALA B 185 4.30 -10.55 -7.10
CA ALA B 185 3.73 -11.21 -5.95
C ALA B 185 2.65 -12.20 -6.41
N PRO B 186 3.03 -13.49 -6.57
CA PRO B 186 2.03 -14.50 -6.85
C PRO B 186 1.12 -14.69 -5.66
N GLY B 187 -0.14 -15.02 -5.91
CA GLY B 187 -1.01 -15.45 -4.84
C GLY B 187 -0.78 -16.93 -4.68
N PHE B 188 -1.86 -17.67 -4.53
CA PHE B 188 -1.66 -19.08 -4.38
C PHE B 188 -1.70 -19.80 -5.72
N ILE B 189 -0.58 -20.46 -6.03
CA ILE B 189 -0.32 -21.00 -7.36
C ILE B 189 -0.26 -22.52 -7.28
N GLU B 190 -1.07 -23.15 -8.12
CA GLU B 190 -1.11 -24.61 -8.24
C GLU B 190 0.30 -25.15 -8.52
N SER B 191 0.75 -26.06 -7.65
CA SER B 191 2.13 -26.59 -7.70
C SER B 191 2.18 -28.13 -7.59
N ASN B 198 -5.34 -30.52 1.78
CA ASN B 198 -6.64 -31.21 1.79
C ASN B 198 -7.84 -30.28 1.58
N GLU B 199 -9.01 -30.86 1.35
CA GLU B 199 -10.18 -30.08 0.91
C GLU B 199 -10.63 -28.98 1.89
N LYS B 200 -10.27 -29.13 3.17
CA LYS B 200 -10.46 -28.07 4.17
C LYS B 200 -9.53 -26.88 3.90
N GLN B 201 -8.26 -27.19 3.61
CA GLN B 201 -7.20 -26.18 3.40
C GLN B 201 -7.45 -25.42 2.10
N LYS B 202 -7.57 -26.17 1.00
CA LYS B 202 -7.85 -25.62 -0.33
C LYS B 202 -9.16 -24.85 -0.39
N ASP B 203 -10.20 -25.39 0.25
CA ASP B 203 -11.49 -24.72 0.41
C ASP B 203 -11.33 -23.35 1.07
N ALA B 204 -10.56 -23.32 2.15
CA ALA B 204 -10.37 -22.10 2.96
C ALA B 204 -9.54 -21.04 2.23
N ILE B 205 -8.50 -21.46 1.52
CA ILE B 205 -7.68 -20.54 0.72
C ILE B 205 -8.53 -19.98 -0.44
N MET B 206 -9.25 -20.87 -1.12
CA MET B 206 -10.14 -20.47 -2.21
C MET B 206 -11.24 -19.50 -1.79
N GLY B 207 -11.73 -19.65 -0.55
CA GLY B 207 -12.73 -18.72 -0.01
C GLY B 207 -12.19 -17.31 0.06
N ASN B 208 -10.87 -17.19 0.11
CA ASN B 208 -10.20 -15.91 0.13
C ASN B 208 -9.77 -15.40 -1.25
N ILE B 209 -9.94 -16.24 -2.29
CA ILE B 209 -9.64 -15.84 -3.67
C ILE B 209 -10.91 -15.55 -4.45
N PRO B 210 -11.15 -14.27 -4.76
CA PRO B 210 -12.35 -13.87 -5.51
C PRO B 210 -12.54 -14.67 -6.79
N MET B 211 -11.44 -15.03 -7.44
CA MET B 211 -11.50 -15.75 -8.68
C MET B 211 -11.87 -17.24 -8.49
N LYS B 212 -11.70 -17.74 -7.27
CA LYS B 212 -12.06 -19.11 -6.89
C LYS B 212 -11.37 -20.16 -7.73
N ARG B 213 -10.10 -19.91 -8.02
CA ARG B 213 -9.23 -20.89 -8.63
C ARG B 213 -7.83 -20.53 -8.23
N MET B 214 -6.95 -21.51 -8.32
CA MET B 214 -5.54 -21.35 -8.02
C MET B 214 -4.90 -20.68 -9.23
N GLY B 215 -3.78 -20.02 -9.01
CA GLY B 215 -2.98 -19.52 -10.10
C GLY B 215 -2.25 -20.67 -10.76
N VAL B 216 -1.72 -20.42 -11.94
CA VAL B 216 -0.81 -21.39 -12.59
C VAL B 216 0.46 -20.65 -12.88
N GLY B 217 1.55 -21.40 -13.07
CA GLY B 217 2.83 -20.80 -13.39
C GLY B 217 2.80 -19.77 -14.51
N ALA B 218 2.03 -20.07 -15.56
CA ALA B 218 1.85 -19.20 -16.73
C ALA B 218 1.34 -17.80 -16.37
N ASP B 219 0.51 -17.71 -15.33
CA ASP B 219 0.05 -16.41 -14.80
C ASP B 219 1.23 -15.55 -14.36
N ILE B 220 2.18 -16.19 -13.69
CA ILE B 220 3.36 -15.50 -13.18
C ILE B 220 4.34 -15.21 -14.33
N ALA B 221 4.51 -16.21 -15.19
CA ALA B 221 5.39 -16.15 -16.34
C ALA B 221 5.05 -14.99 -17.25
N ALA B 222 3.74 -14.73 -17.41
CA ALA B 222 3.31 -13.67 -18.31
C ALA B 222 3.61 -12.31 -17.71
N ALA B 223 3.44 -12.21 -16.40
CA ALA B 223 3.82 -10.99 -15.68
C ALA B 223 5.33 -10.74 -15.82
N VAL B 224 6.11 -11.83 -15.79
CA VAL B 224 7.57 -11.75 -15.98
C VAL B 224 7.88 -11.22 -17.38
N VAL B 225 7.26 -11.80 -18.41
CA VAL B 225 7.42 -11.30 -19.78
C VAL B 225 7.07 -9.83 -19.88
N TYR B 226 5.95 -9.42 -19.29
CA TYR B 226 5.58 -8.02 -19.31
C TYR B 226 6.65 -7.10 -18.70
N LEU B 227 7.14 -7.46 -17.52
CA LEU B 227 8.10 -6.60 -16.85
C LEU B 227 9.46 -6.63 -17.54
N ALA B 228 9.80 -7.77 -18.13
CA ALA B 228 11.06 -7.95 -18.87
C ALA B 228 11.07 -7.19 -20.21
N SER B 229 9.88 -6.91 -20.72
CA SER B 229 9.69 -6.29 -22.02
C SER B 229 10.21 -4.86 -22.07
N ASP B 230 10.59 -4.42 -23.27
CA ASP B 230 10.94 -3.02 -23.51
C ASP B 230 9.79 -2.10 -23.17
N GLU B 231 8.57 -2.60 -23.37
CA GLU B 231 7.35 -1.85 -23.12
C GLU B 231 7.17 -1.50 -21.63
N ALA B 232 7.80 -2.28 -20.76
CA ALA B 232 7.78 -2.02 -19.31
C ALA B 232 9.00 -1.20 -18.85
N ALA B 233 9.63 -0.48 -19.79
CA ALA B 233 10.80 0.38 -19.47
C ALA B 233 10.48 1.50 -18.50
N TYR B 234 9.21 1.90 -18.40
CA TYR B 234 8.88 2.96 -17.46
C TYR B 234 8.31 2.44 -16.12
N VAL B 235 8.35 1.12 -15.94
CA VAL B 235 7.92 0.49 -14.71
C VAL B 235 9.17 0.14 -13.89
N THR B 236 9.32 0.76 -12.73
CA THR B 236 10.37 0.31 -11.83
C THR B 236 9.98 0.52 -10.36
N GLY B 237 10.44 -0.40 -9.52
CA GLY B 237 10.22 -0.33 -8.08
C GLY B 237 8.84 -0.80 -7.70
N GLN B 238 8.19 -1.55 -8.60
CA GLN B 238 6.79 -1.91 -8.41
C GLN B 238 6.60 -3.36 -8.02
N THR B 239 5.39 -3.65 -7.55
CA THR B 239 5.01 -5.01 -7.18
C THR B 239 3.71 -5.32 -7.87
N LEU B 240 3.80 -6.32 -8.74
CA LEU B 240 2.68 -6.75 -9.56
C LEU B 240 2.06 -7.98 -8.90
N HIS B 241 0.87 -7.76 -8.35
CA HIS B 241 0.14 -8.82 -7.67
C HIS B 241 -0.65 -9.66 -8.65
N VAL B 242 -0.34 -10.95 -8.67
CA VAL B 242 -1.00 -11.87 -9.57
C VAL B 242 -1.58 -12.96 -8.67
N ASN B 243 -2.81 -12.78 -8.24
CA ASN B 243 -3.36 -13.51 -7.10
C ASN B 243 -4.85 -13.80 -7.14
N GLY B 244 -5.46 -13.60 -8.29
CA GLY B 244 -6.88 -13.88 -8.45
C GLY B 244 -7.74 -12.95 -7.65
N GLY B 245 -7.17 -11.82 -7.21
CA GLY B 245 -7.85 -10.84 -6.38
C GLY B 245 -7.76 -11.12 -4.89
N MET B 246 -6.94 -12.10 -4.52
CA MET B 246 -6.78 -12.51 -3.14
C MET B 246 -6.32 -11.39 -2.21
N ALA B 247 -5.49 -10.47 -2.70
CA ALA B 247 -5.24 -9.20 -1.98
C ALA B 247 -5.18 -8.12 -3.03
N MET B 248 -5.77 -6.98 -2.73
CA MET B 248 -5.89 -5.92 -3.72
C MET B 248 -5.20 -4.73 -3.16
N ILE B 249 -4.10 -4.35 -3.82
N ILE B 249 -4.12 -4.34 -3.84
CA ILE B 249 -3.29 -3.23 -3.38
CA ILE B 249 -3.30 -3.21 -3.42
C ILE B 249 -3.46 -2.05 -4.35
C ILE B 249 -3.65 -1.97 -4.25
N SER C 4 -0.30 16.20 30.99
CA SER C 4 -0.50 14.78 30.55
C SER C 4 -0.48 14.65 29.03
N MET C 5 -0.31 13.40 28.59
CA MET C 5 -0.16 13.07 27.17
C MET C 5 -1.49 12.86 26.45
N PHE C 6 -1.59 13.40 25.24
CA PHE C 6 -2.80 13.33 24.41
C PHE C 6 -3.99 14.11 25.02
N ASP C 7 -3.65 15.13 25.81
CA ASP C 7 -4.62 16.06 26.38
C ASP C 7 -5.23 16.91 25.26
N LEU C 8 -6.55 17.02 25.27
CA LEU C 8 -7.28 17.82 24.27
C LEU C 8 -8.04 18.97 24.91
N THR C 9 -7.65 19.36 26.12
CA THR C 9 -8.38 20.40 26.89
C THR C 9 -8.45 21.69 26.08
N GLY C 10 -9.67 22.19 25.91
CA GLY C 10 -9.88 23.47 25.21
C GLY C 10 -9.88 23.35 23.70
N ARG C 11 -9.65 22.14 23.20
CA ARG C 11 -9.83 21.84 21.78
C ARG C 11 -11.30 21.72 21.45
N LYS C 12 -11.71 22.38 20.38
CA LYS C 12 -13.06 22.24 19.87
C LYS C 12 -13.09 21.20 18.75
N ALA C 13 -13.90 20.18 18.95
CA ALA C 13 -14.05 19.13 17.96
C ALA C 13 -15.48 19.10 17.48
N LEU C 14 -15.65 18.89 16.18
CA LEU C 14 -16.96 18.60 15.61
C LEU C 14 -16.91 17.13 15.17
N VAL C 15 -17.89 16.36 15.62
CA VAL C 15 -18.00 14.96 15.27
C VAL C 15 -19.30 14.77 14.51
N THR C 16 -19.20 14.34 13.26
CA THR C 16 -20.40 13.99 12.49
C THR C 16 -20.85 12.57 12.79
N GLY C 17 -22.17 12.34 12.67
CA GLY C 17 -22.78 11.07 13.05
C GLY C 17 -22.45 10.67 14.47
N ALA C 18 -22.46 11.66 15.36
CA ALA C 18 -22.07 11.48 16.77
C ALA C 18 -23.05 10.63 17.58
N THR C 19 -24.24 10.37 17.03
CA THR C 19 -25.21 9.54 17.73
C THR C 19 -25.10 8.05 17.37
N GLY C 20 -24.40 7.75 16.28
CA GLY C 20 -24.19 6.36 15.86
C GLY C 20 -23.16 5.72 16.76
N GLY C 21 -22.94 4.42 16.58
CA GLY C 21 -21.96 3.64 17.33
C GLY C 21 -20.60 4.30 17.48
N LEU C 22 -19.85 4.38 16.37
CA LEU C 22 -18.54 5.02 16.34
C LEU C 22 -18.57 6.50 16.78
N GLY C 23 -19.55 7.25 16.28
CA GLY C 23 -19.65 8.69 16.53
C GLY C 23 -19.78 8.99 18.01
N GLU C 24 -20.66 8.24 18.66
CA GLU C 24 -20.81 8.35 20.09
C GLU C 24 -19.50 8.02 20.82
N ALA C 25 -18.90 6.89 20.48
CA ALA C 25 -17.64 6.51 21.10
C ALA C 25 -16.54 7.58 20.90
N ILE C 26 -16.46 8.13 19.69
CA ILE C 26 -15.47 9.18 19.36
C ILE C 26 -15.70 10.43 20.20
N ALA C 27 -16.94 10.92 20.20
CA ALA C 27 -17.32 12.10 20.97
C ALA C 27 -17.05 11.90 22.47
N ARG C 28 -17.38 10.71 23.00
CA ARG C 28 -17.06 10.39 24.41
C ARG C 28 -15.57 10.43 24.72
N ALA C 29 -14.75 9.93 23.80
CA ALA C 29 -13.31 9.87 24.03
C ALA C 29 -12.74 11.28 23.96
N LEU C 30 -13.22 12.06 23.00
CA LEU C 30 -12.78 13.43 22.86
C LEU C 30 -13.16 14.24 24.10
N HIS C 31 -14.39 14.07 24.56
CA HIS C 31 -14.88 14.72 25.77
C HIS C 31 -14.07 14.34 27.00
N ALA C 32 -13.78 13.05 27.16
CA ALA C 32 -12.99 12.55 28.28
C ALA C 32 -11.59 13.18 28.31
N GLN C 33 -11.09 13.53 27.13
CA GLN C 33 -9.77 14.13 26.99
C GLN C 33 -9.78 15.64 27.10
N GLY C 34 -10.95 16.20 27.37
CA GLY C 34 -11.08 17.61 27.71
C GLY C 34 -11.53 18.48 26.57
N ALA C 35 -11.77 17.86 25.42
CA ALA C 35 -12.21 18.60 24.25
C ALA C 35 -13.62 19.14 24.44
N ILE C 36 -13.87 20.26 23.80
CA ILE C 36 -15.22 20.77 23.66
C ILE C 36 -15.76 20.13 22.39
N VAL C 37 -16.82 19.34 22.55
CA VAL C 37 -17.32 18.52 21.45
C VAL C 37 -18.65 19.01 20.90
N GLY C 38 -18.63 19.36 19.61
CA GLY C 38 -19.87 19.59 18.88
C GLY C 38 -20.39 18.27 18.34
N LEU C 39 -21.63 17.94 18.72
CA LEU C 39 -22.24 16.69 18.34
C LEU C 39 -23.14 16.90 17.15
N HIS C 40 -22.75 16.33 16.00
CA HIS C 40 -23.63 16.32 14.84
C HIS C 40 -24.43 15.02 14.70
N GLY C 41 -25.66 15.17 14.20
CA GLY C 41 -26.54 14.06 13.87
C GLY C 41 -27.75 14.58 13.14
N THR C 42 -28.65 13.68 12.77
CA THR C 42 -29.84 14.03 12.00
C THR C 42 -31.04 14.31 12.90
N ARG C 43 -31.11 13.61 14.03
CA ARG C 43 -32.22 13.82 14.96
C ARG C 43 -31.79 14.45 16.29
N GLU C 44 -32.42 15.58 16.59
CA GLU C 44 -32.13 16.43 17.76
C GLU C 44 -32.33 15.69 19.09
N GLU C 45 -33.35 14.84 19.15
CA GLU C 45 -33.66 14.06 20.34
C GLU C 45 -32.46 13.21 20.76
N LYS C 46 -31.93 12.44 19.80
CA LYS C 46 -30.75 11.60 20.03
C LYS C 46 -29.54 12.42 20.50
N LEU C 47 -29.32 13.52 19.80
CA LEU C 47 -28.23 14.44 20.10
C LEU C 47 -28.36 15.07 21.50
N LYS C 48 -29.57 15.51 21.85
CA LYS C 48 -29.79 16.13 23.15
C LYS C 48 -29.61 15.12 24.27
N GLU C 49 -30.05 13.89 24.03
CA GLU C 49 -29.77 12.77 24.94
C GLU C 49 -28.28 12.60 25.24
N LEU C 50 -27.47 12.53 24.18
CA LEU C 50 -26.04 12.31 24.34
C LEU C 50 -25.42 13.49 25.06
N ALA C 51 -25.85 14.68 24.66
CA ALA C 51 -25.38 15.94 25.25
C ALA C 51 -25.68 15.99 26.74
N ALA C 52 -26.88 15.53 27.14
CA ALA C 52 -27.32 15.52 28.52
C ALA C 52 -26.38 14.69 29.39
N GLU C 53 -26.09 13.47 28.94
CA GLU C 53 -25.23 12.56 29.68
C GLU C 53 -23.77 13.01 29.74
N LEU C 54 -23.28 13.63 28.68
CA LEU C 54 -21.93 14.17 28.67
C LEU C 54 -21.83 15.45 29.50
N GLY C 55 -22.93 16.19 29.56
CA GLY C 55 -23.02 17.39 30.39
C GLY C 55 -22.37 18.60 29.74
N GLU C 56 -21.21 18.98 30.26
CA GLU C 56 -20.53 20.21 29.84
C GLU C 56 -19.71 20.05 28.57
N ARG C 57 -19.26 21.17 28.03
CA ARG C 57 -18.34 21.21 26.88
C ARG C 57 -18.92 20.50 25.65
N ILE C 58 -20.25 20.54 25.52
CA ILE C 58 -20.94 19.97 24.38
C ILE C 58 -21.72 21.04 23.63
N PHE C 59 -21.74 20.89 22.31
CA PHE C 59 -22.65 21.61 21.44
C PHE C 59 -23.44 20.56 20.69
N VAL C 60 -24.63 20.92 20.23
CA VAL C 60 -25.46 20.03 19.43
C VAL C 60 -25.78 20.70 18.10
N PHE C 61 -25.37 20.06 17.01
CA PHE C 61 -25.62 20.60 15.67
C PHE C 61 -26.33 19.57 14.79
N PRO C 62 -27.67 19.54 14.79
CA PRO C 62 -28.34 18.64 13.86
C PRO C 62 -28.18 19.13 12.42
N ALA C 63 -28.01 18.21 11.48
CA ALA C 63 -27.95 18.53 10.05
C ALA C 63 -28.17 17.31 9.17
N ASN C 64 -28.84 17.54 8.04
CA ASN C 64 -28.98 16.52 7.02
C ASN C 64 -27.75 16.63 6.13
N LEU C 65 -26.85 15.65 6.21
CA LEU C 65 -25.59 15.70 5.46
C LEU C 65 -25.76 15.46 3.97
N SER C 66 -26.94 15.01 3.57
CA SER C 66 -27.23 14.83 2.15
C SER C 66 -27.69 16.16 1.55
N ASP C 67 -27.97 17.13 2.42
CA ASP C 67 -28.34 18.49 2.01
C ASP C 67 -27.10 19.36 2.01
N ARG C 68 -26.62 19.65 0.81
CA ARG C 68 -25.42 20.46 0.61
C ARG C 68 -25.38 21.77 1.41
N GLU C 69 -26.49 22.51 1.38
CA GLU C 69 -26.56 23.78 2.08
C GLU C 69 -26.61 23.59 3.59
N ALA C 70 -27.28 22.54 4.06
CA ALA C 70 -27.19 22.12 5.47
C ALA C 70 -25.76 21.77 5.92
N VAL C 71 -24.98 21.17 5.01
CA VAL C 71 -23.61 20.81 5.32
C VAL C 71 -22.78 22.07 5.53
N LYS C 72 -22.88 22.99 4.58
CA LYS C 72 -22.20 24.28 4.65
C LYS C 72 -22.62 25.02 5.91
N ALA C 73 -23.93 25.09 6.16
CA ALA C 73 -24.46 25.76 7.35
C ALA C 73 -23.89 25.12 8.60
N LEU C 74 -23.87 23.78 8.64
CA LEU C 74 -23.24 23.02 9.75
C LEU C 74 -21.85 23.53 10.07
N GLY C 75 -20.99 23.57 9.06
CA GLY C 75 -19.61 24.00 9.22
C GLY C 75 -19.51 25.43 9.73
N GLN C 76 -20.33 26.32 9.17
CA GLN C 76 -20.33 27.74 9.55
C GLN C 76 -20.81 27.90 10.99
N LYS C 77 -21.93 27.25 11.30
CA LYS C 77 -22.50 27.21 12.64
C LYS C 77 -21.53 26.67 13.71
N ALA C 78 -20.87 25.54 13.41
CA ALA C 78 -19.92 24.98 14.35
C ALA C 78 -18.74 25.92 14.56
N GLU C 79 -18.19 26.45 13.47
CA GLU C 79 -17.03 27.32 13.55
C GLU C 79 -17.38 28.59 14.33
N GLU C 80 -18.58 29.10 14.07
CA GLU C 80 -19.13 30.26 14.75
C GLU C 80 -19.33 30.03 16.26
N GLU C 81 -20.21 29.09 16.59
CA GLU C 81 -20.68 28.90 17.96
C GLU C 81 -19.65 28.31 18.93
N MET C 82 -18.69 27.56 18.38
CA MET C 82 -17.65 26.93 19.19
C MET C 82 -16.45 27.83 19.32
N GLY C 83 -16.48 28.97 18.61
CA GLY C 83 -15.35 29.89 18.55
C GLY C 83 -14.15 29.28 17.87
N GLY C 84 -14.39 28.56 16.78
CA GLY C 84 -13.31 27.95 16.03
C GLY C 84 -13.20 26.45 16.30
N VAL C 85 -13.37 25.66 15.24
CA VAL C 85 -13.25 24.21 15.33
C VAL C 85 -11.80 23.80 15.11
N ASP C 86 -11.23 23.06 16.06
CA ASP C 86 -9.85 22.60 15.96
C ASP C 86 -9.75 21.20 15.35
N ILE C 87 -10.78 20.39 15.59
CA ILE C 87 -10.78 19.00 15.23
C ILE C 87 -12.08 18.73 14.51
N LEU C 88 -11.98 18.31 13.26
CA LEU C 88 -13.13 17.83 12.53
C LEU C 88 -12.98 16.33 12.34
N VAL C 89 -13.96 15.59 12.86
CA VAL C 89 -14.04 14.15 12.68
C VAL C 89 -15.20 13.85 11.73
N ASN C 90 -14.84 13.60 10.47
CA ASN C 90 -15.82 13.22 9.47
C ASN C 90 -16.11 11.74 9.62
N ASN C 91 -17.23 11.44 10.27
CA ASN C 91 -17.50 10.10 10.70
C ASN C 91 -18.77 9.54 10.11
N ALA C 92 -19.72 10.43 9.84
CA ALA C 92 -21.01 10.05 9.26
C ALA C 92 -20.78 9.60 7.84
N GLY C 93 -21.38 8.48 7.52
CA GLY C 93 -21.26 7.85 6.23
C GLY C 93 -22.49 6.97 6.17
N ILE C 94 -22.90 6.62 4.97
CA ILE C 94 -24.02 5.71 4.76
C ILE C 94 -23.55 4.58 3.83
N THR C 95 -24.31 3.50 3.78
CA THR C 95 -24.14 2.48 2.76
C THR C 95 -25.40 2.39 1.90
N ARG C 96 -25.23 1.96 0.65
CA ARG C 96 -26.35 1.49 -0.18
C ARG C 96 -25.88 0.23 -0.87
N ASP C 97 -25.79 -0.83 -0.09
CA ASP C 97 -25.16 -2.05 -0.52
C ASP C 97 -26.04 -2.78 -1.52
N GLY C 98 -25.38 -3.51 -2.42
CA GLY C 98 -26.06 -4.36 -3.37
C GLY C 98 -25.12 -4.72 -4.50
N LEU C 99 -25.50 -5.72 -5.27
CA LEU C 99 -24.71 -6.09 -6.44
C LEU C 99 -24.52 -4.89 -7.34
N PHE C 100 -23.30 -4.75 -7.86
CA PHE C 100 -23.01 -3.69 -8.81
C PHE C 100 -23.94 -3.69 -10.04
N VAL C 101 -24.27 -4.86 -10.57
CA VAL C 101 -25.14 -4.94 -11.75
C VAL C 101 -26.54 -4.42 -11.42
N ARG C 102 -26.91 -4.47 -10.14
CA ARG C 102 -28.20 -3.96 -9.70
C ARG C 102 -28.10 -2.55 -9.06
N MET C 103 -26.91 -1.95 -9.11
CA MET C 103 -26.70 -0.69 -8.38
C MET C 103 -27.28 0.50 -9.15
N SER C 104 -28.29 1.12 -8.55
CA SER C 104 -28.96 2.25 -9.18
C SER C 104 -28.09 3.47 -9.12
N ASP C 105 -28.39 4.43 -9.98
CA ASP C 105 -27.75 5.74 -9.93
C ASP C 105 -27.97 6.35 -8.58
N GLU C 106 -29.17 6.14 -8.03
CA GLU C 106 -29.52 6.63 -6.73
C GLU C 106 -28.64 6.01 -5.62
N ASP C 107 -28.42 4.69 -5.64
CA ASP C 107 -27.57 4.03 -4.65
C ASP C 107 -26.13 4.53 -4.70
N TRP C 108 -25.63 4.72 -5.92
CA TRP C 108 -24.30 5.24 -6.15
C TRP C 108 -24.21 6.69 -5.71
N ASP C 109 -25.09 7.52 -6.24
CA ASP C 109 -25.07 8.95 -5.96
C ASP C 109 -25.19 9.26 -4.49
N ALA C 110 -26.12 8.58 -3.82
CA ALA C 110 -26.38 8.82 -2.41
C ALA C 110 -25.14 8.56 -1.57
N VAL C 111 -24.47 7.44 -1.84
CA VAL C 111 -23.27 7.09 -1.08
C VAL C 111 -22.13 8.06 -1.40
N LEU C 112 -21.93 8.37 -2.67
CA LEU C 112 -20.86 9.28 -3.04
C LEU C 112 -21.08 10.69 -2.48
N THR C 113 -22.32 11.15 -2.52
CA THR C 113 -22.69 12.48 -2.03
C THR C 113 -22.48 12.61 -0.51
N VAL C 114 -22.99 11.65 0.25
CA VAL C 114 -22.88 11.70 1.70
C VAL C 114 -21.46 11.37 2.17
N ASN C 115 -20.88 10.31 1.60
CA ASN C 115 -19.59 9.81 2.08
C ASN C 115 -18.39 10.62 1.62
N LEU C 116 -18.51 11.29 0.49
CA LEU C 116 -17.39 12.03 -0.05
C LEU C 116 -17.71 13.53 -0.19
N THR C 117 -18.78 13.84 -0.89
CA THR C 117 -19.06 15.24 -1.21
C THR C 117 -19.41 16.03 0.04
N SER C 118 -20.22 15.47 0.93
CA SER C 118 -20.59 16.20 2.14
C SER C 118 -19.34 16.41 3.01
N VAL C 119 -18.45 15.42 3.02
CA VAL C 119 -17.14 15.55 3.64
C VAL C 119 -16.31 16.67 3.00
N PHE C 120 -16.25 16.70 1.67
CA PHE C 120 -15.57 17.78 0.98
C PHE C 120 -16.13 19.15 1.42
N ASN C 121 -17.45 19.31 1.45
CA ASN C 121 -18.04 20.59 1.86
C ASN C 121 -17.86 20.93 3.34
N LEU C 122 -18.08 19.95 4.22
CA LEU C 122 -17.89 20.19 5.65
C LEU C 122 -16.45 20.57 5.90
N THR C 123 -15.54 19.80 5.31
CA THR C 123 -14.12 20.06 5.43
C THR C 123 -13.74 21.44 4.89
N ARG C 124 -14.29 21.80 3.74
CA ARG C 124 -14.05 23.10 3.14
C ARG C 124 -14.49 24.26 4.02
N GLU C 125 -15.58 24.08 4.75
CA GLU C 125 -16.06 25.11 5.68
C GLU C 125 -15.07 25.38 6.80
N LEU C 126 -14.28 24.37 7.18
CA LEU C 126 -13.50 24.45 8.40
C LEU C 126 -12.02 24.49 8.14
N THR C 127 -11.62 24.20 6.91
CA THR C 127 -10.20 24.13 6.62
C THR C 127 -9.54 25.51 6.66
N HIS C 128 -10.14 26.50 5.99
CA HIS C 128 -9.49 27.81 5.96
C HIS C 128 -9.28 28.39 7.36
N PRO C 129 -10.34 28.39 8.20
CA PRO C 129 -10.19 28.75 9.60
C PRO C 129 -9.01 28.07 10.31
N MET C 130 -8.96 26.74 10.26
CA MET C 130 -7.88 26.00 10.88
C MET C 130 -6.52 26.44 10.35
N MET C 131 -6.41 26.59 9.04
CA MET C 131 -5.18 27.08 8.43
C MET C 131 -4.79 28.48 8.90
N ARG C 132 -5.79 29.34 9.08
CA ARG C 132 -5.58 30.69 9.61
C ARG C 132 -5.00 30.61 11.02
N ARG C 133 -5.61 29.77 11.86
CA ARG C 133 -5.13 29.55 13.22
C ARG C 133 -3.79 28.79 13.32
N ARG C 134 -3.34 28.22 12.20
CA ARG C 134 -2.12 27.43 12.13
C ARG C 134 -2.23 26.23 13.07
N ASN C 135 -3.43 25.68 13.15
CA ASN C 135 -3.67 24.49 13.94
C ASN C 135 -4.98 23.81 13.53
N GLY C 136 -4.92 22.51 13.36
CA GLY C 136 -6.13 21.80 13.00
C GLY C 136 -5.92 20.32 12.85
N ARG C 137 -7.03 19.60 13.01
CA ARG C 137 -7.07 18.17 12.86
C ARG C 137 -8.28 17.83 12.05
N ILE C 138 -8.05 17.25 10.88
CA ILE C 138 -9.13 16.72 10.09
C ILE C 138 -8.93 15.22 10.16
N ILE C 139 -9.92 14.53 10.70
CA ILE C 139 -9.82 13.08 10.91
C ILE C 139 -11.02 12.43 10.26
N ASN C 140 -10.71 11.65 9.24
CA ASN C 140 -11.74 11.09 8.37
C ASN C 140 -11.87 9.60 8.63
N ILE C 141 -13.11 9.18 8.87
CA ILE C 141 -13.39 7.80 9.14
C ILE C 141 -13.69 7.13 7.81
N THR C 142 -12.75 6.33 7.37
CA THR C 142 -12.92 5.61 6.14
C THR C 142 -13.33 4.20 6.56
N SER C 143 -12.87 3.17 5.87
CA SER C 143 -13.23 1.81 6.20
C SER C 143 -12.13 0.94 5.66
N ILE C 144 -11.91 -0.20 6.30
CA ILE C 144 -10.99 -1.24 5.79
C ILE C 144 -11.25 -1.49 4.30
N VAL C 145 -12.53 -1.50 4.00
CA VAL C 145 -13.08 -1.80 2.72
C VAL C 145 -12.70 -0.76 1.63
N GLY C 146 -12.37 0.47 2.05
CA GLY C 146 -11.82 1.44 1.11
C GLY C 146 -10.45 1.02 0.58
N VAL C 147 -9.73 0.17 1.33
CA VAL C 147 -8.42 -0.32 0.95
CA VAL C 147 -8.43 -0.31 0.89
C VAL C 147 -8.47 -1.74 0.35
N THR C 148 -9.40 -2.56 0.84
CA THR C 148 -9.45 -3.97 0.43
C THR C 148 -10.38 -4.24 -0.74
N GLY C 149 -11.39 -3.39 -0.86
CA GLY C 149 -12.54 -3.69 -1.66
C GLY C 149 -13.46 -4.60 -0.85
N ASN C 150 -14.70 -4.69 -1.31
CA ASN C 150 -15.69 -5.56 -0.72
C ASN C 150 -16.80 -5.68 -1.74
N PRO C 151 -17.20 -6.93 -2.05
CA PRO C 151 -18.32 -7.07 -2.98
C PRO C 151 -19.57 -6.46 -2.37
N GLY C 152 -20.43 -5.95 -3.23
CA GLY C 152 -21.73 -5.47 -2.81
C GLY C 152 -21.65 -4.04 -2.36
N GLN C 153 -20.43 -3.48 -2.42
CA GLN C 153 -20.17 -2.09 -2.00
C GLN C 153 -19.32 -1.29 -2.97
N ALA C 154 -19.54 -1.48 -4.27
CA ALA C 154 -18.82 -0.67 -5.27
C ALA C 154 -18.86 0.83 -4.90
N ASN C 155 -20.04 1.29 -4.49
CA ASN C 155 -20.25 2.68 -4.13
C ASN C 155 -19.56 3.07 -2.83
N TYR C 156 -19.74 2.25 -1.80
CA TYR C 156 -19.16 2.50 -0.50
C TYR C 156 -17.62 2.53 -0.56
N CYS C 157 -17.03 1.51 -1.16
CA CYS C 157 -15.59 1.40 -1.36
C CYS C 157 -14.99 2.56 -2.19
N ALA C 158 -15.68 2.96 -3.25
CA ALA C 158 -15.28 4.14 -4.03
C ALA C 158 -15.26 5.38 -3.14
N SER C 159 -16.34 5.58 -2.38
CA SER C 159 -16.43 6.69 -1.46
C SER C 159 -15.30 6.66 -0.39
N LYS C 160 -15.04 5.49 0.18
CA LYS C 160 -14.10 5.39 1.28
C LYS C 160 -12.63 5.45 0.83
N ALA C 161 -12.35 4.84 -0.32
CA ALA C 161 -11.07 4.99 -0.98
C ALA C 161 -10.82 6.42 -1.45
N GLY C 162 -11.87 7.05 -1.99
CA GLY C 162 -11.80 8.45 -2.44
C GLY C 162 -11.60 9.41 -1.28
N LEU C 163 -12.24 9.11 -0.15
CA LEU C 163 -12.00 9.83 1.10
C LEU C 163 -10.51 9.89 1.48
N ILE C 164 -9.84 8.75 1.42
CA ILE C 164 -8.41 8.66 1.66
C ILE C 164 -7.60 9.51 0.68
N GLY C 165 -7.91 9.40 -0.62
CA GLY C 165 -7.19 10.17 -1.64
C GLY C 165 -7.38 11.67 -1.48
N PHE C 166 -8.62 12.06 -1.22
CA PHE C 166 -8.95 13.42 -0.81
C PHE C 166 -8.08 13.84 0.37
N SER C 167 -8.07 13.02 1.42
CA SER C 167 -7.30 13.34 2.64
C SER C 167 -5.81 13.55 2.36
N LYS C 168 -5.23 12.68 1.53
CA LYS C 168 -3.83 12.82 1.18
C LYS C 168 -3.54 14.14 0.44
N SER C 169 -4.39 14.48 -0.52
CA SER C 169 -4.19 15.69 -1.30
C SER C 169 -4.28 16.91 -0.39
N LEU C 170 -5.32 16.95 0.44
CA LEU C 170 -5.52 18.03 1.39
C LEU C 170 -4.39 18.11 2.40
N ALA C 171 -3.93 16.96 2.88
CA ALA C 171 -2.83 16.89 3.82
C ALA C 171 -1.60 17.56 3.23
N GLN C 172 -1.33 17.29 1.96
CA GLN C 172 -0.18 17.89 1.30
C GLN C 172 -0.30 19.42 1.23
N GLU C 173 -1.50 19.89 0.95
CA GLU C 173 -1.79 21.30 0.77
C GLU C 173 -1.66 22.17 2.00
N ILE C 174 -2.06 21.62 3.16
CA ILE C 174 -2.24 22.43 4.34
C ILE C 174 -1.31 22.03 5.47
N ALA C 175 -0.39 21.10 5.18
CA ALA C 175 0.56 20.59 6.18
C ALA C 175 1.44 21.67 6.82
N SER C 176 1.91 22.61 5.98
CA SER C 176 2.75 23.72 6.44
C SER C 176 1.99 24.70 7.33
N ARG C 177 0.66 24.66 7.29
CA ARG C 177 -0.16 25.42 8.23
C ARG C 177 -0.48 24.62 9.48
N ASN C 178 0.20 23.47 9.61
CA ASN C 178 0.05 22.60 10.78
C ASN C 178 -1.39 22.18 11.05
N VAL C 179 -2.11 21.94 9.96
CA VAL C 179 -3.42 21.31 9.99
C VAL C 179 -3.15 19.95 9.38
N THR C 180 -3.37 18.92 10.18
CA THR C 180 -3.11 17.57 9.70
C THR C 180 -4.42 16.95 9.22
N VAL C 181 -4.30 16.08 8.23
CA VAL C 181 -5.46 15.32 7.79
C VAL C 181 -5.15 13.84 7.61
N ASN C 182 -5.90 13.03 8.33
CA ASN C 182 -5.66 11.59 8.43
C ASN C 182 -6.95 10.83 8.39
N CYS C 183 -6.80 9.54 8.12
CA CYS C 183 -7.95 8.66 8.05
C CYS C 183 -7.75 7.56 9.05
N ILE C 184 -8.86 7.14 9.64
CA ILE C 184 -8.89 5.92 10.39
C ILE C 184 -9.76 4.96 9.58
N ALA C 185 -9.27 3.74 9.43
CA ALA C 185 -9.93 2.69 8.68
C ALA C 185 -10.35 1.64 9.71
N PRO C 186 -11.59 1.75 10.23
CA PRO C 186 -12.06 0.70 11.12
C PRO C 186 -12.24 -0.57 10.31
N GLY C 187 -12.01 -1.72 10.94
CA GLY C 187 -12.39 -2.99 10.35
C GLY C 187 -13.82 -3.22 10.75
N PHE C 188 -14.09 -4.41 11.23
CA PHE C 188 -15.45 -4.69 11.58
C PHE C 188 -15.74 -4.38 13.04
N ILE C 189 -16.60 -3.39 13.21
CA ILE C 189 -16.95 -2.82 14.51
C ILE C 189 -18.32 -3.33 14.93
N GLU C 190 -18.43 -3.64 16.21
CA GLU C 190 -19.61 -4.24 16.83
C GLU C 190 -20.83 -3.34 16.86
N LYS C 202 -21.16 -13.58 9.27
CA LYS C 202 -20.48 -12.97 10.41
C LYS C 202 -19.26 -13.76 10.86
N ASP C 203 -19.42 -15.08 10.94
CA ASP C 203 -18.32 -15.99 11.26
C ASP C 203 -17.32 -15.99 10.11
N ALA C 204 -17.83 -15.73 8.91
CA ALA C 204 -16.99 -15.56 7.73
C ALA C 204 -16.08 -14.35 7.94
N ILE C 205 -16.68 -13.22 8.33
CA ILE C 205 -15.95 -12.00 8.70
C ILE C 205 -14.93 -12.30 9.79
N MET C 206 -15.40 -12.89 10.89
CA MET C 206 -14.56 -13.23 12.05
C MET C 206 -13.36 -14.12 11.72
N GLY C 207 -13.57 -15.06 10.80
CA GLY C 207 -12.51 -15.93 10.33
C GLY C 207 -11.34 -15.18 9.73
N ASN C 208 -11.60 -13.97 9.22
CA ASN C 208 -10.54 -13.14 8.64
C ASN C 208 -9.99 -12.09 9.62
N ILE C 209 -10.41 -12.16 10.88
CA ILE C 209 -9.87 -11.28 11.91
C ILE C 209 -8.97 -12.07 12.84
N PRO C 210 -7.64 -11.88 12.74
CA PRO C 210 -6.69 -12.60 13.61
C PRO C 210 -7.02 -12.50 15.11
N MET C 211 -7.53 -11.35 15.55
CA MET C 211 -7.89 -11.15 16.95
C MET C 211 -9.17 -11.85 17.37
N LYS C 212 -9.98 -12.20 16.40
CA LYS C 212 -11.15 -13.05 16.60
C LYS C 212 -12.23 -12.36 17.43
N ARG C 213 -12.29 -11.04 17.30
CA ARG C 213 -13.32 -10.24 17.92
C ARG C 213 -13.58 -9.04 17.03
N MET C 214 -14.78 -8.48 17.18
CA MET C 214 -15.17 -7.26 16.51
C MET C 214 -14.49 -6.12 17.21
N GLY C 215 -14.26 -5.05 16.47
CA GLY C 215 -13.84 -3.81 17.09
C GLY C 215 -15.03 -3.21 17.81
N VAL C 216 -14.72 -2.35 18.78
CA VAL C 216 -15.74 -1.57 19.45
C VAL C 216 -15.50 -0.11 19.11
N GLY C 217 -16.48 0.74 19.38
CA GLY C 217 -16.37 2.17 19.09
C GLY C 217 -15.14 2.78 19.72
N ALA C 218 -14.83 2.37 20.95
CA ALA C 218 -13.67 2.88 21.69
C ALA C 218 -12.35 2.65 20.99
N ASP C 219 -12.27 1.58 20.19
CA ASP C 219 -11.03 1.25 19.46
C ASP C 219 -10.76 2.35 18.46
N ILE C 220 -11.85 2.87 17.90
CA ILE C 220 -11.77 3.93 16.90
C ILE C 220 -11.62 5.31 17.54
N ALA C 221 -12.37 5.54 18.63
CA ALA C 221 -12.30 6.78 19.37
C ALA C 221 -10.88 7.05 19.84
N ALA C 222 -10.20 6.02 20.33
CA ALA C 222 -8.82 6.17 20.84
C ALA C 222 -7.86 6.57 19.72
N ALA C 223 -8.05 5.97 18.55
CA ALA C 223 -7.31 6.35 17.37
C ALA C 223 -7.62 7.82 17.01
N VAL C 224 -8.88 8.24 17.12
CA VAL C 224 -9.24 9.65 16.90
C VAL C 224 -8.53 10.56 17.89
N VAL C 225 -8.54 10.20 19.17
CA VAL C 225 -7.83 10.95 20.21
C VAL C 225 -6.34 11.09 19.85
N TYR C 226 -5.73 9.97 19.48
CA TYR C 226 -4.34 9.99 19.11
C TYR C 226 -4.06 10.96 17.94
N LEU C 227 -4.80 10.83 16.84
CA LEU C 227 -4.53 11.68 15.65
C LEU C 227 -4.84 13.15 15.92
N ALA C 228 -5.81 13.38 16.82
CA ALA C 228 -6.26 14.73 17.16
C ALA C 228 -5.28 15.41 18.09
N SER C 229 -4.41 14.62 18.71
CA SER C 229 -3.54 15.13 19.75
C SER C 229 -2.43 15.98 19.14
N ASP C 230 -1.88 16.88 19.94
CA ASP C 230 -0.68 17.64 19.57
C ASP C 230 0.48 16.69 19.30
N GLU C 231 0.48 15.57 20.00
CA GLU C 231 1.52 14.55 19.85
C GLU C 231 1.51 13.95 18.44
N ALA C 232 0.41 14.09 17.71
CA ALA C 232 0.31 13.56 16.34
C ALA C 232 0.46 14.67 15.30
N ALA C 233 1.03 15.80 15.73
CA ALA C 233 1.22 16.94 14.84
C ALA C 233 2.12 16.63 13.63
N TYR C 234 3.00 15.63 13.74
CA TYR C 234 3.84 15.22 12.61
C TYR C 234 3.23 14.08 11.76
N VAL C 235 1.98 13.73 12.05
CA VAL C 235 1.30 12.68 11.30
C VAL C 235 0.29 13.31 10.36
N THR C 236 0.52 13.17 9.07
CA THR C 236 -0.45 13.66 8.09
C THR C 236 -0.47 12.84 6.79
N GLY C 237 -1.65 12.78 6.19
CA GLY C 237 -1.92 12.01 4.97
C GLY C 237 -1.96 10.52 5.19
N GLN C 238 -2.18 10.10 6.43
CA GLN C 238 -2.02 8.71 6.78
C GLN C 238 -3.35 8.03 6.98
N THR C 239 -3.31 6.70 6.99
CA THR C 239 -4.51 5.92 7.23
C THR C 239 -4.16 4.93 8.32
N LEU C 240 -4.78 5.12 9.48
CA LEU C 240 -4.59 4.27 10.65
C LEU C 240 -5.63 3.16 10.64
N HIS C 241 -5.15 1.94 10.44
CA HIS C 241 -6.01 0.78 10.35
C HIS C 241 -6.24 0.17 11.72
N VAL C 242 -7.49 0.09 12.12
CA VAL C 242 -7.85 -0.41 13.45
C VAL C 242 -8.83 -1.56 13.19
N ASN C 243 -8.32 -2.78 13.14
CA ASN C 243 -9.09 -3.83 12.53
C ASN C 243 -8.81 -5.23 13.05
N GLY C 244 -8.15 -5.36 14.20
CA GLY C 244 -7.84 -6.65 14.79
C GLY C 244 -6.92 -7.47 13.89
N GLY C 245 -6.21 -6.79 13.00
CA GLY C 245 -5.32 -7.47 12.04
C GLY C 245 -6.01 -7.96 10.77
N MET C 246 -7.25 -7.56 10.57
CA MET C 246 -8.03 -8.07 9.43
C MET C 246 -7.40 -7.74 8.06
N ALA C 247 -6.76 -6.58 7.95
CA ALA C 247 -5.89 -6.26 6.81
C ALA C 247 -4.68 -5.52 7.33
N MET C 248 -3.52 -5.88 6.83
CA MET C 248 -2.28 -5.34 7.35
C MET C 248 -1.58 -4.61 6.24
N ILE C 249 -1.52 -3.28 6.36
N ILE C 249 -1.46 -3.30 6.41
CA ILE C 249 -0.91 -2.44 5.33
CA ILE C 249 -0.86 -2.43 5.39
C ILE C 249 0.47 -1.97 5.82
C ILE C 249 0.59 -2.07 5.75
N MET D 5 -6.28 7.80 30.18
CA MET D 5 -6.22 7.34 28.76
C MET D 5 -4.75 7.21 28.29
N PHE D 6 -4.44 6.09 27.66
CA PHE D 6 -3.08 5.74 27.19
C PHE D 6 -2.13 5.61 28.37
N ASP D 7 -2.70 5.17 29.48
CA ASP D 7 -1.95 4.97 30.69
C ASP D 7 -1.20 3.66 30.60
N LEU D 8 0.08 3.71 30.95
CA LEU D 8 0.93 2.52 30.89
C LEU D 8 1.51 2.19 32.26
N THR D 9 0.85 2.66 33.32
CA THR D 9 1.36 2.46 34.69
C THR D 9 1.58 0.97 34.98
N GLY D 10 2.80 0.66 35.42
CA GLY D 10 3.15 -0.70 35.79
C GLY D 10 3.47 -1.61 34.62
N ARG D 11 3.30 -1.12 33.39
CA ARG D 11 3.67 -1.87 32.20
C ARG D 11 5.19 -1.89 32.09
N LYS D 12 5.74 -3.06 31.79
CA LYS D 12 7.16 -3.22 31.61
C LYS D 12 7.54 -3.12 30.14
N ALA D 13 8.39 -2.14 29.86
CA ALA D 13 8.77 -1.81 28.50
C ALA D 13 10.28 -1.97 28.37
N LEU D 14 10.68 -2.68 27.33
CA LEU D 14 12.08 -2.80 26.96
C LEU D 14 12.29 -2.05 25.64
N VAL D 15 13.19 -1.08 25.68
CA VAL D 15 13.45 -0.21 24.52
C VAL D 15 14.88 -0.42 24.05
N THR D 16 15.05 -1.02 22.87
CA THR D 16 16.39 -1.15 22.29
C THR D 16 16.86 0.16 21.66
N GLY D 17 18.17 0.36 21.64
CA GLY D 17 18.75 1.60 21.10
C GLY D 17 18.26 2.79 21.89
N ALA D 18 18.09 2.61 23.20
CA ALA D 18 17.43 3.60 24.06
C ALA D 18 18.29 4.85 24.33
N THR D 19 19.57 4.79 23.99
CA THR D 19 20.46 5.93 24.19
C THR D 19 20.42 6.92 23.02
N GLY D 20 20.00 6.45 21.84
CA GLY D 20 19.92 7.28 20.65
C GLY D 20 18.74 8.24 20.67
N GLY D 21 18.68 9.14 19.68
CA GLY D 21 17.59 10.10 19.55
C GLY D 21 16.19 9.55 19.76
N LEU D 22 15.78 8.58 18.93
CA LEU D 22 14.46 7.99 19.03
C LEU D 22 14.30 7.18 20.31
N GLY D 23 15.23 6.24 20.52
CA GLY D 23 15.19 5.37 21.68
C GLY D 23 15.01 6.13 22.98
N GLU D 24 15.81 7.19 23.16
CA GLU D 24 15.69 8.04 24.35
C GLU D 24 14.34 8.72 24.46
N ALA D 25 13.85 9.29 23.37
CA ALA D 25 12.53 9.92 23.39
C ALA D 25 11.43 8.91 23.71
N ILE D 26 11.58 7.69 23.18
CA ILE D 26 10.60 6.62 23.42
C ILE D 26 10.59 6.22 24.90
N ALA D 27 11.76 5.86 25.41
CA ALA D 27 11.94 5.57 26.84
C ALA D 27 11.29 6.65 27.73
N ARG D 28 11.51 7.93 27.40
CA ARG D 28 11.00 9.05 28.19
C ARG D 28 9.49 9.11 28.22
N ALA D 29 8.87 9.00 27.04
CA ALA D 29 7.43 9.02 26.91
C ALA D 29 6.79 7.84 27.63
N LEU D 30 7.38 6.66 27.45
CA LEU D 30 6.88 5.46 28.11
C LEU D 30 6.93 5.63 29.63
N HIS D 31 8.05 6.15 30.13
CA HIS D 31 8.26 6.41 31.56
C HIS D 31 7.29 7.44 32.08
N ALA D 32 7.13 8.52 31.32
CA ALA D 32 6.15 9.57 31.61
C ALA D 32 4.72 9.03 31.69
N GLN D 33 4.44 7.94 30.98
CA GLN D 33 3.11 7.32 31.02
C GLN D 33 2.98 6.25 32.10
N GLY D 34 3.99 6.14 32.96
CA GLY D 34 3.91 5.25 34.11
C GLY D 34 4.60 3.91 33.89
N ALA D 35 5.29 3.77 32.77
CA ALA D 35 5.88 2.49 32.43
C ALA D 35 7.17 2.26 33.21
N ILE D 36 7.46 1.00 33.49
CA ILE D 36 8.75 0.60 33.96
C ILE D 36 9.59 0.30 32.72
N VAL D 37 10.70 1.00 32.56
CA VAL D 37 11.37 1.01 31.26
C VAL D 37 12.75 0.40 31.35
N GLY D 38 12.98 -0.63 30.55
CA GLY D 38 14.30 -1.24 30.41
C GLY D 38 15.02 -0.55 29.27
N LEU D 39 16.18 0.03 29.58
CA LEU D 39 16.94 0.82 28.62
C LEU D 39 18.03 -0.03 28.05
N HIS D 40 17.90 -0.40 26.78
CA HIS D 40 18.99 -1.12 26.13
C HIS D 40 19.89 -0.14 25.37
N GLY D 41 21.18 -0.47 25.30
CA GLY D 41 22.13 0.29 24.50
C GLY D 41 23.47 -0.42 24.53
N THR D 42 24.48 0.21 23.93
CA THR D 42 25.85 -0.30 24.00
C THR D 42 26.69 0.60 24.89
N ARG D 43 26.39 1.90 24.87
CA ARG D 43 27.09 2.88 25.69
C ARG D 43 26.57 2.83 27.12
N GLU D 44 27.30 2.11 27.98
CA GLU D 44 26.91 1.94 29.39
C GLU D 44 26.85 3.27 30.15
N GLU D 45 27.73 4.20 29.81
CA GLU D 45 27.73 5.53 30.45
C GLU D 45 26.46 6.34 30.13
N LYS D 46 26.01 6.27 28.87
CA LYS D 46 24.85 7.03 28.41
C LYS D 46 23.55 6.44 28.98
N LEU D 47 23.55 5.12 29.13
CA LEU D 47 22.49 4.38 29.81
C LEU D 47 22.36 4.83 31.27
N LYS D 48 23.47 4.78 32.00
CA LYS D 48 23.52 5.22 33.41
C LYS D 48 23.01 6.65 33.56
N GLU D 49 23.45 7.54 32.67
CA GLU D 49 23.03 8.93 32.62
C GLU D 49 21.49 9.08 32.55
N LEU D 50 20.87 8.44 31.56
CA LEU D 50 19.42 8.48 31.35
C LEU D 50 18.66 7.84 32.50
N ALA D 51 19.18 6.72 32.99
CA ALA D 51 18.63 6.01 34.14
C ALA D 51 18.67 6.87 35.41
N ALA D 52 19.85 7.40 35.73
CA ALA D 52 20.03 8.30 36.87
C ALA D 52 19.02 9.45 36.81
N GLU D 53 18.84 10.00 35.61
CA GLU D 53 17.92 11.09 35.37
C GLU D 53 16.45 10.69 35.53
N LEU D 54 16.03 9.64 34.83
CA LEU D 54 14.64 9.17 34.92
C LEU D 54 14.32 8.65 36.32
N GLY D 55 15.35 8.14 36.98
CA GLY D 55 15.28 7.72 38.37
C GLY D 55 14.64 6.37 38.51
N GLU D 56 13.47 6.37 39.14
CA GLU D 56 12.73 5.16 39.44
C GLU D 56 12.26 4.48 38.17
N ARG D 57 11.84 3.22 38.30
CA ARG D 57 11.19 2.49 37.20
C ARG D 57 12.07 2.36 35.96
N ILE D 58 13.38 2.25 36.18
CA ILE D 58 14.34 2.05 35.11
C ILE D 58 15.18 0.81 35.37
N PHE D 59 15.41 0.05 34.30
CA PHE D 59 16.38 -1.02 34.30
C PHE D 59 17.35 -0.68 33.18
N VAL D 60 18.56 -1.20 33.28
CA VAL D 60 19.57 -0.95 32.25
C VAL D 60 20.08 -2.29 31.76
N PHE D 61 20.03 -2.48 30.45
CA PHE D 61 20.41 -3.75 29.85
C PHE D 61 21.32 -3.52 28.67
N PRO D 62 22.65 -3.42 28.89
CA PRO D 62 23.59 -3.31 27.78
C PRO D 62 23.73 -4.64 27.00
N ALA D 63 23.76 -4.53 25.68
CA ALA D 63 23.89 -5.71 24.84
C ALA D 63 24.37 -5.31 23.47
N ASN D 64 25.27 -6.11 22.92
CA ASN D 64 25.68 -6.01 21.53
C ASN D 64 24.65 -6.76 20.67
N LEU D 65 23.82 -6.02 19.95
CA LEU D 65 22.76 -6.65 19.16
C LEU D 65 23.24 -7.42 17.93
N SER D 66 24.53 -7.28 17.58
CA SER D 66 25.19 -8.11 16.55
C SER D 66 25.52 -9.50 17.07
N ASP D 67 25.60 -9.61 18.39
CA ASP D 67 25.96 -10.86 19.03
C ASP D 67 24.66 -11.59 19.33
N ARG D 68 24.40 -12.66 18.60
CA ARG D 68 23.14 -13.38 18.68
C ARG D 68 22.85 -13.94 20.07
N GLU D 69 23.87 -14.53 20.69
CA GLU D 69 23.74 -15.06 22.04
C GLU D 69 23.44 -13.93 23.01
N ALA D 70 24.04 -12.76 22.79
CA ALA D 70 23.77 -11.57 23.60
C ALA D 70 22.33 -11.06 23.46
N VAL D 71 21.81 -11.08 22.23
CA VAL D 71 20.40 -10.70 22.00
C VAL D 71 19.46 -11.62 22.81
N LYS D 72 19.70 -12.92 22.75
CA LYS D 72 18.87 -13.84 23.51
C LYS D 72 19.03 -13.61 25.01
N ALA D 73 20.27 -13.40 25.46
CA ALA D 73 20.55 -13.08 26.88
C ALA D 73 19.84 -11.81 27.29
N LEU D 74 19.83 -10.80 26.40
CA LEU D 74 19.08 -9.55 26.63
C LEU D 74 17.60 -9.83 26.91
N GLY D 75 16.93 -10.48 25.96
CA GLY D 75 15.53 -10.86 26.12
C GLY D 75 15.26 -11.60 27.42
N GLN D 76 16.08 -12.60 27.72
CA GLN D 76 15.95 -13.39 28.95
C GLN D 76 16.15 -12.51 30.20
N LYS D 77 17.22 -11.71 30.17
CA LYS D 77 17.52 -10.79 31.29
C LYS D 77 16.38 -9.83 31.57
N ALA D 78 15.90 -9.14 30.54
CA ALA D 78 14.80 -8.19 30.70
C ALA D 78 13.52 -8.89 31.18
N GLU D 79 13.20 -10.04 30.61
CA GLU D 79 12.04 -10.82 31.04
C GLU D 79 12.13 -11.19 32.53
N GLU D 80 13.23 -11.81 32.91
CA GLU D 80 13.52 -12.19 34.29
C GLU D 80 13.55 -10.99 35.24
N GLU D 81 14.38 -9.99 34.95
CA GLU D 81 14.58 -8.89 35.87
C GLU D 81 13.44 -7.89 35.94
N MET D 82 12.82 -7.60 34.79
CA MET D 82 11.66 -6.70 34.81
C MET D 82 10.40 -7.41 35.33
N GLY D 83 10.47 -8.73 35.46
CA GLY D 83 9.32 -9.49 35.92
C GLY D 83 8.26 -9.61 34.85
N GLY D 84 8.69 -9.80 33.61
CA GLY D 84 7.76 -9.94 32.51
C GLY D 84 7.70 -8.68 31.69
N VAL D 85 8.27 -8.73 30.48
CA VAL D 85 8.22 -7.57 29.58
C VAL D 85 6.84 -7.52 28.91
N ASP D 86 6.14 -6.39 29.03
CA ASP D 86 4.82 -6.25 28.43
C ASP D 86 4.91 -5.61 27.06
N ILE D 87 5.92 -4.77 26.89
CA ILE D 87 6.09 -3.95 25.71
C ILE D 87 7.54 -4.08 25.26
N LEU D 88 7.70 -4.58 24.04
CA LEU D 88 9.01 -4.57 23.42
C LEU D 88 9.02 -3.53 22.31
N VAL D 89 9.91 -2.55 22.44
CA VAL D 89 10.14 -1.61 21.36
C VAL D 89 11.47 -1.91 20.71
N ASN D 90 11.39 -2.48 19.51
CA ASN D 90 12.57 -2.75 18.72
C ASN D 90 12.90 -1.51 17.92
N ASN D 91 13.87 -0.76 18.44
CA ASN D 91 14.18 0.56 17.91
C ASN D 91 15.60 0.61 17.38
N ALA D 92 16.44 -0.26 17.90
CA ALA D 92 17.85 -0.31 17.57
C ALA D 92 17.99 -0.77 16.13
N GLY D 93 18.77 -0.01 15.39
CA GLY D 93 18.95 -0.26 13.97
C GLY D 93 20.25 0.38 13.57
N ILE D 94 20.86 -0.16 12.54
CA ILE D 94 22.09 0.39 11.99
C ILE D 94 21.95 0.55 10.48
N THR D 95 22.76 1.46 9.92
CA THR D 95 22.90 1.60 8.48
C THR D 95 24.31 1.20 8.06
N ARG D 96 24.44 0.77 6.81
CA ARG D 96 25.74 0.68 6.14
C ARG D 96 25.49 1.21 4.75
N ASP D 97 25.29 2.53 4.68
CA ASP D 97 24.86 3.20 3.48
C ASP D 97 25.90 3.13 2.39
N GLY D 98 25.43 3.11 1.15
CA GLY D 98 26.34 2.98 0.02
C GLY D 98 25.58 2.45 -1.15
N LEU D 99 26.07 2.76 -2.33
CA LEU D 99 25.43 2.33 -3.56
C LEU D 99 25.54 0.83 -3.62
N PHE D 100 24.50 0.21 -4.13
CA PHE D 100 24.39 -1.22 -4.18
C PHE D 100 25.55 -1.91 -4.94
N VAL D 101 26.03 -1.27 -5.99
CA VAL D 101 27.09 -1.83 -6.83
C VAL D 101 28.43 -1.93 -6.07
N ARG D 102 28.63 -1.04 -5.10
CA ARG D 102 29.80 -1.08 -4.22
C ARG D 102 29.51 -1.75 -2.87
N MET D 103 28.32 -2.33 -2.72
CA MET D 103 27.86 -2.84 -1.41
C MET D 103 28.46 -4.18 -1.03
N SER D 104 29.27 -4.20 0.01
CA SER D 104 29.94 -5.43 0.41
C SER D 104 28.98 -6.44 1.06
N ASP D 105 29.36 -7.72 1.04
CA ASP D 105 28.66 -8.75 1.80
C ASP D 105 28.47 -8.34 3.26
N GLU D 106 29.54 -7.79 3.86
CA GLU D 106 29.53 -7.38 5.25
C GLU D 106 28.58 -6.21 5.49
N ASP D 107 28.50 -5.25 4.57
CA ASP D 107 27.56 -4.13 4.71
C ASP D 107 26.10 -4.57 4.64
N TRP D 108 25.83 -5.52 3.76
CA TRP D 108 24.53 -6.13 3.67
C TRP D 108 24.25 -6.94 4.91
N ASP D 109 25.15 -7.90 5.18
CA ASP D 109 24.99 -8.85 6.27
C ASP D 109 24.77 -8.17 7.61
N ALA D 110 25.59 -7.15 7.89
CA ALA D 110 25.54 -6.45 9.17
C ALA D 110 24.17 -5.77 9.37
N VAL D 111 23.69 -5.11 8.32
CA VAL D 111 22.42 -4.40 8.41
C VAL D 111 21.25 -5.36 8.60
N LEU D 112 21.22 -6.45 7.82
CA LEU D 112 20.16 -7.44 7.95
C LEU D 112 20.23 -8.16 9.30
N THR D 113 21.45 -8.45 9.77
CA THR D 113 21.66 -9.10 11.07
C THR D 113 21.10 -8.29 12.23
N VAL D 114 21.48 -7.04 12.32
CA VAL D 114 21.08 -6.21 13.42
C VAL D 114 19.64 -5.76 13.26
N ASN D 115 19.27 -5.30 12.06
CA ASN D 115 17.96 -4.68 11.85
C ASN D 115 16.83 -5.68 11.74
N LEU D 116 17.17 -6.91 11.41
CA LEU D 116 16.13 -7.88 11.16
C LEU D 116 16.27 -9.11 12.02
N THR D 117 17.43 -9.77 11.94
CA THR D 117 17.63 -11.01 12.67
C THR D 117 17.69 -10.79 14.19
N SER D 118 18.29 -9.67 14.63
CA SER D 118 18.35 -9.41 16.07
C SER D 118 16.95 -9.11 16.59
N VAL D 119 16.15 -8.40 15.79
CA VAL D 119 14.72 -8.20 16.10
C VAL D 119 14.01 -9.56 16.16
N PHE D 120 14.28 -10.44 15.20
CA PHE D 120 13.71 -11.78 15.22
C PHE D 120 13.99 -12.44 16.58
N ASN D 121 15.27 -12.50 16.94
CA ASN D 121 15.65 -13.15 18.18
C ASN D 121 15.16 -12.51 19.46
N LEU D 122 15.31 -11.18 19.61
CA LEU D 122 14.80 -10.50 20.80
C LEU D 122 13.31 -10.73 20.96
N THR D 123 12.59 -10.58 19.86
CA THR D 123 11.15 -10.79 19.85
C THR D 123 10.76 -12.22 20.23
N ARG D 124 11.54 -13.19 19.76
CA ARG D 124 11.27 -14.59 20.08
C ARG D 124 11.48 -14.89 21.56
N GLU D 125 12.44 -14.20 22.17
CA GLU D 125 12.65 -14.32 23.61
C GLU D 125 11.43 -13.92 24.40
N LEU D 126 10.70 -12.93 23.93
CA LEU D 126 9.69 -12.26 24.74
C LEU D 126 8.28 -12.61 24.32
N THR D 127 8.13 -13.27 23.19
CA THR D 127 6.80 -13.54 22.64
C THR D 127 6.01 -14.56 23.44
N HIS D 128 6.61 -15.71 23.72
CA HIS D 128 5.86 -16.70 24.48
C HIS D 128 5.44 -16.21 25.86
N PRO D 129 6.35 -15.52 26.60
CA PRO D 129 5.93 -14.84 27.84
C PRO D 129 4.76 -13.89 27.69
N MET D 130 4.80 -13.01 26.69
CA MET D 130 3.69 -12.10 26.45
C MET D 130 2.39 -12.84 26.16
N MET D 131 2.50 -13.87 25.33
CA MET D 131 1.36 -14.72 24.98
C MET D 131 0.83 -15.49 26.20
N ARG D 132 1.74 -16.00 27.02
CA ARG D 132 1.40 -16.64 28.30
C ARG D 132 0.58 -15.68 29.20
N ARG D 133 0.94 -14.39 29.15
CA ARG D 133 0.25 -13.36 29.90
C ARG D 133 -0.99 -12.80 29.18
N ARG D 134 -1.21 -13.28 27.96
CA ARG D 134 -2.28 -12.81 27.09
C ARG D 134 -2.30 -11.28 27.06
N ASN D 135 -1.11 -10.71 27.04
CA ASN D 135 -0.94 -9.31 26.88
C ASN D 135 0.47 -8.99 26.44
N GLY D 136 0.59 -8.17 25.41
CA GLY D 136 1.90 -7.77 24.94
C GLY D 136 1.78 -6.75 23.83
N ARG D 137 2.89 -6.05 23.60
CA ARG D 137 3.02 -5.06 22.56
C ARG D 137 4.42 -5.19 22.01
N ILE D 138 4.51 -5.51 20.74
CA ILE D 138 5.78 -5.51 20.05
C ILE D 138 5.63 -4.37 19.07
N ILE D 139 6.54 -3.41 19.20
CA ILE D 139 6.47 -2.20 18.43
C ILE D 139 7.80 -2.04 17.76
N ASN D 140 7.76 -2.13 16.44
CA ASN D 140 8.96 -2.13 15.65
C ASN D 140 9.15 -0.81 14.93
N ILE D 141 10.32 -0.20 15.12
CA ILE D 141 10.62 1.07 14.50
C ILE D 141 11.26 0.70 13.19
N THR D 142 10.52 0.97 12.12
CA THR D 142 11.00 0.69 10.80
C THR D 142 11.44 2.05 10.27
N SER D 143 11.23 2.33 8.99
CA SER D 143 11.60 3.62 8.42
C SER D 143 10.68 3.84 7.25
N ILE D 144 10.41 5.11 6.97
CA ILE D 144 9.71 5.50 5.74
C ILE D 144 10.28 4.75 4.52
N VAL D 145 11.60 4.65 4.53
CA VAL D 145 12.44 4.11 3.50
C VAL D 145 12.17 2.62 3.23
N GLY D 146 11.68 1.92 4.24
CA GLY D 146 11.23 0.54 4.06
C GLY D 146 10.02 0.41 3.17
N VAL D 147 9.30 1.52 3.02
CA VAL D 147 8.09 1.59 2.20
CA VAL D 147 8.11 1.54 2.17
C VAL D 147 8.38 2.27 0.86
N THR D 148 9.19 3.34 0.90
CA THR D 148 9.50 4.09 -0.32
C THR D 148 10.68 3.53 -1.12
N GLY D 149 11.63 2.93 -0.42
CA GLY D 149 12.96 2.69 -0.97
C GLY D 149 13.77 3.97 -0.87
N ASN D 150 15.09 3.83 -0.88
CA ASN D 150 15.98 4.98 -0.85
C ASN D 150 17.30 4.57 -1.49
N PRO D 151 17.82 5.42 -2.41
CA PRO D 151 19.11 5.07 -2.98
C PRO D 151 20.16 5.14 -1.89
N GLY D 152 21.12 4.23 -1.93
CA GLY D 152 22.18 4.21 -0.93
C GLY D 152 21.87 3.22 0.19
N GLN D 153 20.67 2.65 0.17
CA GLN D 153 20.21 1.87 1.30
C GLN D 153 19.54 0.55 0.93
N ALA D 154 20.04 -0.14 -0.09
CA ALA D 154 19.46 -1.41 -0.47
C ALA D 154 19.38 -2.38 0.71
N ASN D 155 20.41 -2.34 1.57
CA ASN D 155 20.43 -3.17 2.77
C ASN D 155 19.43 -2.69 3.82
N TYR D 156 19.51 -1.42 4.19
CA TYR D 156 18.62 -0.83 5.19
C TYR D 156 17.15 -0.97 4.80
N CYS D 157 16.84 -0.63 3.54
CA CYS D 157 15.50 -0.76 3.00
C CYS D 157 14.97 -2.17 3.09
N ALA D 158 15.80 -3.14 2.71
CA ALA D 158 15.44 -4.55 2.77
C ALA D 158 15.11 -4.96 4.21
N SER D 159 15.95 -4.51 5.15
CA SER D 159 15.81 -4.88 6.54
C SER D 159 14.52 -4.29 7.12
N LYS D 160 14.21 -3.06 6.73
CA LYS D 160 13.08 -2.34 7.30
C LYS D 160 11.76 -2.73 6.64
N ALA D 161 11.79 -2.92 5.32
CA ALA D 161 10.69 -3.59 4.63
C ALA D 161 10.46 -4.98 5.21
N GLY D 162 11.53 -5.73 5.40
CA GLY D 162 11.43 -7.07 5.96
C GLY D 162 10.91 -7.08 7.39
N LEU D 163 11.27 -6.04 8.15
CA LEU D 163 10.78 -5.88 9.52
C LEU D 163 9.25 -5.80 9.56
N ILE D 164 8.69 -5.08 8.60
CA ILE D 164 7.25 -4.95 8.45
C ILE D 164 6.61 -6.29 8.08
N GLY D 165 7.20 -7.00 7.13
CA GLY D 165 6.66 -8.28 6.69
C GLY D 165 6.65 -9.26 7.84
N PHE D 166 7.75 -9.29 8.58
CA PHE D 166 7.86 -10.09 9.79
C PHE D 166 6.75 -9.77 10.79
N SER D 167 6.54 -8.47 11.01
CA SER D 167 5.55 -7.98 11.94
C SER D 167 4.11 -8.36 11.61
N LYS D 168 3.76 -8.27 10.34
CA LYS D 168 2.45 -8.72 9.88
C LYS D 168 2.24 -10.20 10.13
N SER D 169 3.23 -11.00 9.77
CA SER D 169 3.16 -12.43 9.95
C SER D 169 3.02 -12.77 11.42
N LEU D 170 3.86 -12.15 12.24
CA LEU D 170 3.81 -12.39 13.67
C LEU D 170 2.50 -11.91 14.26
N ALA D 171 2.04 -10.73 13.82
CA ALA D 171 0.80 -10.18 14.30
C ALA D 171 -0.37 -11.13 14.09
N GLN D 172 -0.45 -11.73 12.91
CA GLN D 172 -1.51 -12.69 12.61
C GLN D 172 -1.40 -13.94 13.47
N GLU D 173 -0.17 -14.37 13.77
CA GLU D 173 0.00 -15.55 14.58
C GLU D 173 -0.51 -15.39 16.01
N ILE D 174 -0.28 -14.22 16.59
CA ILE D 174 -0.36 -14.05 18.04
C ILE D 174 -1.46 -13.07 18.47
N ALA D 175 -2.21 -12.59 17.48
CA ALA D 175 -3.32 -11.65 17.71
C ALA D 175 -4.36 -12.17 18.72
N SER D 176 -4.63 -13.48 18.69
CA SER D 176 -5.64 -14.08 19.58
C SER D 176 -5.14 -14.15 21.02
N ARG D 177 -3.83 -13.96 21.19
CA ARG D 177 -3.23 -13.90 22.51
C ARG D 177 -3.15 -12.51 23.08
N ASN D 178 -3.74 -11.53 22.38
CA ASN D 178 -3.78 -10.14 22.85
C ASN D 178 -2.38 -9.53 22.92
N VAL D 179 -1.52 -10.01 22.04
CA VAL D 179 -0.21 -9.45 21.82
C VAL D 179 -0.27 -8.84 20.44
N THR D 180 -0.10 -7.52 20.39
CA THR D 180 -0.14 -6.84 19.12
C THR D 180 1.27 -6.63 18.63
N VAL D 181 1.39 -6.61 17.31
CA VAL D 181 2.65 -6.29 16.70
C VAL D 181 2.47 -5.27 15.58
N ASN D 182 3.18 -4.17 15.76
CA ASN D 182 3.02 -3.00 14.92
C ASN D 182 4.35 -2.35 14.65
N CYS D 183 4.37 -1.60 13.55
CA CYS D 183 5.53 -0.88 13.17
C CYS D 183 5.23 0.59 13.18
N ILE D 184 6.25 1.38 13.46
CA ILE D 184 6.18 2.83 13.29
C ILE D 184 7.27 3.15 12.28
N ALA D 185 6.91 3.95 11.28
CA ALA D 185 7.80 4.34 10.22
C ALA D 185 8.10 5.85 10.33
N PRO D 186 9.19 6.21 11.05
CA PRO D 186 9.55 7.63 11.08
C PRO D 186 9.93 8.08 9.68
N GLY D 187 9.64 9.33 9.37
CA GLY D 187 10.22 9.94 8.20
C GLY D 187 11.60 10.43 8.61
N PHE D 188 11.87 11.69 8.33
CA PHE D 188 13.17 12.22 8.65
C PHE D 188 13.12 12.92 9.99
N ILE D 189 13.95 12.43 10.90
CA ILE D 189 13.96 12.88 12.28
C ILE D 189 15.30 13.55 12.55
N GLU D 190 15.28 14.60 13.37
CA GLU D 190 16.50 15.21 13.89
C GLU D 190 17.33 14.18 14.68
N LYS D 202 19.90 18.90 4.69
CA LYS D 202 19.40 18.90 3.33
C LYS D 202 18.01 19.52 3.19
N ASP D 203 17.95 20.65 2.49
CA ASP D 203 16.68 21.19 2.02
C ASP D 203 16.13 20.30 0.91
N ALA D 204 17.00 19.42 0.41
CA ALA D 204 16.62 18.37 -0.52
C ALA D 204 15.60 17.41 0.12
N ILE D 205 15.83 17.09 1.39
CA ILE D 205 14.92 16.22 2.16
C ILE D 205 13.60 16.95 2.47
N MET D 206 13.71 18.15 3.06
CA MET D 206 12.51 18.92 3.46
C MET D 206 11.64 19.38 2.29
N GLY D 207 12.24 19.47 1.09
CA GLY D 207 11.46 19.71 -0.13
C GLY D 207 10.38 18.67 -0.36
N ASN D 208 10.63 17.46 0.14
CA ASN D 208 9.68 16.35 0.02
C ASN D 208 8.80 16.15 1.26
N ILE D 209 8.91 17.03 2.24
CA ILE D 209 8.11 16.95 3.47
C ILE D 209 7.13 18.12 3.50
N PRO D 210 5.84 17.85 3.22
CA PRO D 210 4.81 18.88 3.19
C PRO D 210 4.81 19.77 4.44
N MET D 211 5.17 19.18 5.57
CA MET D 211 5.10 19.92 6.82
C MET D 211 6.27 20.89 6.96
N LYS D 212 7.33 20.63 6.19
CA LYS D 212 8.52 21.46 6.10
C LYS D 212 9.26 21.66 7.43
N ARG D 213 9.30 20.59 8.21
CA ARG D 213 10.11 20.52 9.41
C ARG D 213 10.47 19.06 9.59
N MET D 214 11.48 18.82 10.41
CA MET D 214 11.93 17.48 10.71
C MET D 214 11.06 16.90 11.81
N GLY D 215 11.02 15.58 11.88
CA GLY D 215 10.40 14.93 13.01
C GLY D 215 11.36 15.04 14.16
N VAL D 216 10.80 15.03 15.37
CA VAL D 216 11.58 14.92 16.60
C VAL D 216 11.28 13.55 17.23
N GLY D 217 12.17 13.11 18.10
CA GLY D 217 12.00 11.84 18.80
C GLY D 217 10.63 11.73 19.44
N ALA D 218 10.12 12.84 19.98
CA ALA D 218 8.85 12.83 20.69
C ALA D 218 7.69 12.50 19.76
N ASP D 219 7.85 12.75 18.46
CA ASP D 219 6.85 12.39 17.44
C ASP D 219 6.67 10.89 17.36
N ILE D 220 7.80 10.19 17.40
CA ILE D 220 7.83 8.74 17.37
C ILE D 220 7.45 8.15 18.71
N ALA D 221 7.96 8.78 19.79
CA ALA D 221 7.67 8.35 21.15
C ALA D 221 6.17 8.29 21.42
N ALA D 222 5.45 9.31 20.96
CA ALA D 222 4.01 9.40 21.17
C ALA D 222 3.29 8.27 20.42
N ALA D 223 3.83 7.92 19.25
CA ALA D 223 3.26 6.85 18.44
C ALA D 223 3.46 5.51 19.14
N VAL D 224 4.60 5.35 19.82
CA VAL D 224 4.90 4.14 20.59
C VAL D 224 3.94 4.02 21.78
N VAL D 225 3.71 5.14 22.46
CA VAL D 225 2.79 5.16 23.61
C VAL D 225 1.39 4.79 23.12
N TYR D 226 0.97 5.38 22.02
CA TYR D 226 -0.31 5.02 21.44
C TYR D 226 -0.40 3.50 21.18
N LEU D 227 0.57 2.94 20.47
CA LEU D 227 0.51 1.52 20.11
C LEU D 227 0.64 0.59 21.31
N ALA D 228 1.45 1.00 22.29
CA ALA D 228 1.67 0.25 23.53
C ALA D 228 0.42 0.22 24.41
N SER D 229 -0.44 1.23 24.25
CA SER D 229 -1.58 1.44 25.11
C SER D 229 -2.62 0.32 25.02
N ASP D 230 -3.37 0.11 26.09
CA ASP D 230 -4.49 -0.82 26.07
C ASP D 230 -5.48 -0.40 25.01
N GLU D 231 -5.53 0.91 24.74
CA GLU D 231 -6.46 1.50 23.78
C GLU D 231 -6.19 1.13 22.33
N ALA D 232 -4.97 0.69 22.04
CA ALA D 232 -4.60 0.19 20.69
C ALA D 232 -4.56 -1.34 20.64
N ALA D 233 -5.33 -1.98 21.53
CA ALA D 233 -5.48 -3.42 21.60
C ALA D 233 -6.06 -4.00 20.31
N TYR D 234 -6.83 -3.21 19.57
CA TYR D 234 -7.40 -3.68 18.31
C TYR D 234 -6.56 -3.28 17.08
N VAL D 235 -5.36 -2.76 17.33
CA VAL D 235 -4.47 -2.40 16.25
C VAL D 235 -3.34 -3.42 16.20
N THR D 236 -3.25 -4.18 15.10
CA THR D 236 -2.12 -5.10 14.94
C THR D 236 -1.75 -5.34 13.48
N GLY D 237 -0.46 -5.59 13.25
CA GLY D 237 0.06 -5.82 11.91
C GLY D 237 0.17 -4.56 11.09
N GLN D 238 0.12 -3.41 11.75
CA GLN D 238 0.04 -2.13 11.06
C GLN D 238 1.36 -1.36 11.04
N THR D 239 1.41 -0.36 10.17
CA THR D 239 2.57 0.52 10.05
C THR D 239 2.05 1.93 10.17
N LEU D 240 2.48 2.57 11.25
CA LEU D 240 2.11 3.96 11.55
C LEU D 240 3.23 4.88 11.01
N HIS D 241 2.91 5.63 9.98
CA HIS D 241 3.83 6.54 9.33
C HIS D 241 3.77 7.91 10.00
N VAL D 242 4.92 8.33 10.52
CA VAL D 242 5.04 9.58 11.28
C VAL D 242 6.16 10.31 10.55
N ASN D 243 5.77 11.08 9.56
CA ASN D 243 6.72 11.54 8.56
C ASN D 243 6.43 12.91 7.98
N GLY D 244 5.57 13.68 8.62
CA GLY D 244 5.25 15.04 8.17
C GLY D 244 4.58 15.10 6.81
N GLY D 245 3.98 13.99 6.40
CA GLY D 245 3.41 13.85 5.08
C GLY D 245 4.37 13.46 3.98
N MET D 246 5.61 13.13 4.35
CA MET D 246 6.62 12.78 3.37
C MET D 246 6.27 11.61 2.43
N ALA D 247 5.55 10.62 2.97
CA ALA D 247 4.94 9.57 2.17
C ALA D 247 3.59 9.28 2.77
N MET D 248 2.61 9.11 1.90
CA MET D 248 1.24 8.97 2.33
C MET D 248 0.68 7.64 1.84
N ILE D 249 0.39 6.77 2.80
N ILE D 249 0.48 6.73 2.79
CA ILE D 249 -0.05 5.41 2.53
CA ILE D 249 0.00 5.38 2.52
C ILE D 249 -1.55 5.28 2.78
C ILE D 249 -1.46 5.29 2.97
#